data_6NF6
#
_entry.id   6NF6
#
_cell.length_a   1.000
_cell.length_b   1.000
_cell.length_c   1.000
_cell.angle_alpha   90.000
_cell.angle_beta   90.000
_cell.angle_gamma   90.000
#
_symmetry.space_group_name_H-M   'P 1'
#
loop_
_entity.id
_entity.type
_entity.pdbx_description
1 polymer Otopetrin3
2 non-polymer 'CHOLESTEROL HEMISUCCINATE'
#
_entity_poly.entity_id   1
_entity_poly.type   'polypeptide(L)'
_entity_poly.pdbx_seq_one_letter_code
;GPAGNKASKQKFCHHCNSRSASAPPGTSTIHYEKSWLYRHCSLQQRDRQAQKSGQLFSGLLALNVVFLGSAFISSMIFNH
VAITLADVWILLSILKVLCLCWIIYYLLGTSRQPHAVLYRDTHAAPVWIRGSLLLFGTFSILLNVFQIGYSVIQINCKSK
VEIVFPSIEILFVATQAFFLWHHSKDCIQVQHNLTRCGLMLTIATNLLLWLLAVTNDSIHMEIESQLREVEQRLAGNETD
SCACPNTTTCKVFQKGYILLYPFNTEYCLICCSVLYVMWKNVGRRISHHHIAHIKPKFKLQGVVFGPLLGAAAVIIGICV
FMMYQIQATGSAPNYQVFVLYYSYYIVLLPLMCVVAIIGTIIHTLEKRELDTLKNPTRSLDVVLLMGAALGQIAMSYFSI
VAIVATNPRDMLNSLILSYSVLLIFQYITQNIFIIDGLQRQPFAKEEEVSEEHNREAPDQRRVSVLELGQEFRRVSLSYI
HTYSHLGWKRKALKEISFFLVLCNIILWIMPTFGAHPVFENGLQKSFYGYSTWFAIVNFGLPLSVFYRMHSVGGLLEVYV
SA
;
_entity_poly.pdbx_strand_id   A,B
#
# COMPACT_ATOMS: atom_id res chain seq x y z
N ALA A 50 -13.48 8.79 -24.34
CA ALA A 50 -13.48 7.69 -25.31
C ALA A 50 -12.33 6.73 -25.02
N GLN A 51 -11.14 7.30 -24.84
CA GLN A 51 -9.96 6.49 -24.52
C GLN A 51 -9.91 6.16 -23.04
N LYS A 52 -10.22 7.14 -22.19
CA LYS A 52 -10.15 6.97 -20.75
C LYS A 52 -11.18 5.98 -20.23
N SER A 53 -12.31 5.81 -20.93
CA SER A 53 -13.32 4.84 -20.51
C SER A 53 -12.82 3.41 -20.67
N GLY A 54 -12.28 3.08 -21.85
CA GLY A 54 -11.70 1.76 -22.03
C GLY A 54 -10.45 1.57 -21.19
N GLN A 55 -9.72 2.65 -20.94
CA GLN A 55 -8.62 2.63 -19.99
C GLN A 55 -9.10 2.23 -18.59
N LEU A 56 -10.24 2.78 -18.17
CA LEU A 56 -10.84 2.40 -16.89
C LEU A 56 -11.29 0.95 -16.90
N PHE A 57 -11.84 0.47 -18.02
CA PHE A 57 -12.34 -0.90 -18.09
C PHE A 57 -11.20 -1.92 -18.02
N SER A 58 -10.11 -1.63 -18.72
CA SER A 58 -8.90 -2.44 -18.60
C SER A 58 -8.34 -2.39 -17.19
N GLY A 59 -8.46 -1.24 -16.53
CA GLY A 59 -8.07 -1.15 -15.13
C GLY A 59 -8.94 -2.00 -14.21
N LEU A 60 -10.23 -2.11 -14.52
CA LEU A 60 -11.11 -2.98 -13.73
C LEU A 60 -10.74 -4.44 -13.90
N LEU A 61 -10.44 -4.86 -15.15
CA LEU A 61 -9.92 -6.21 -15.39
C LEU A 61 -8.64 -6.46 -14.61
N ALA A 62 -7.72 -5.48 -14.64
CA ALA A 62 -6.44 -5.64 -13.96
C ALA A 62 -6.61 -5.69 -12.45
N LEU A 63 -7.49 -4.85 -11.89
CA LEU A 63 -7.65 -4.86 -10.43
C LEU A 63 -8.37 -6.11 -9.96
N ASN A 64 -9.28 -6.64 -10.77
CA ASN A 64 -9.93 -7.89 -10.39
C ASN A 64 -8.95 -9.06 -10.40
N VAL A 65 -8.10 -9.14 -11.43
CA VAL A 65 -7.10 -10.21 -11.48
C VAL A 65 -6.08 -10.04 -10.35
N VAL A 66 -5.65 -8.80 -10.08
CA VAL A 66 -4.67 -8.53 -9.02
C VAL A 66 -5.25 -8.89 -7.65
N PHE A 67 -6.49 -8.51 -7.37
CA PHE A 67 -7.04 -8.78 -6.05
C PHE A 67 -7.42 -10.24 -5.86
N LEU A 68 -7.82 -10.92 -6.95
CA LEU A 68 -8.07 -12.35 -6.87
C LEU A 68 -6.78 -13.12 -6.61
N GLY A 69 -5.72 -12.81 -7.36
CA GLY A 69 -4.45 -13.48 -7.14
C GLY A 69 -3.81 -13.11 -5.81
N SER A 70 -4.01 -11.86 -5.36
CA SER A 70 -3.51 -11.46 -4.05
C SER A 70 -4.25 -12.15 -2.94
N ALA A 71 -5.54 -12.44 -3.14
CA ALA A 71 -6.27 -13.24 -2.17
C ALA A 71 -5.76 -14.68 -2.14
N PHE A 72 -5.39 -15.23 -3.30
CA PHE A 72 -4.79 -16.57 -3.34
C PHE A 72 -3.43 -16.60 -2.64
N ILE A 73 -2.57 -15.63 -2.93
CA ILE A 73 -1.23 -15.60 -2.35
C ILE A 73 -1.31 -15.35 -0.84
N SER A 74 -2.21 -14.44 -0.42
CA SER A 74 -2.38 -14.18 1.00
C SER A 74 -3.01 -15.36 1.72
N SER A 75 -3.89 -16.10 1.05
CA SER A 75 -4.38 -17.34 1.66
C SER A 75 -3.29 -18.39 1.73
N MET A 76 -2.31 -18.35 0.83
CA MET A 76 -1.16 -19.22 0.95
C MET A 76 -0.28 -18.83 2.14
N ILE A 77 -0.16 -17.53 2.41
CA ILE A 77 0.58 -17.08 3.59
C ILE A 77 -0.15 -17.44 4.86
N PHE A 78 -1.42 -17.05 4.96
CA PHE A 78 -2.15 -17.16 6.22
C PHE A 78 -2.70 -18.56 6.44
N ASN A 79 -3.55 -19.04 5.54
CA ASN A 79 -4.16 -20.36 5.70
C ASN A 79 -3.42 -21.38 4.82
N HIS A 80 -2.27 -21.82 5.30
CA HIS A 80 -1.38 -22.66 4.51
C HIS A 80 -1.94 -24.07 4.29
N VAL A 81 -2.91 -24.50 5.08
CA VAL A 81 -3.39 -25.88 4.97
C VAL A 81 -4.42 -26.01 3.85
N ALA A 82 -5.02 -24.90 3.43
CA ALA A 82 -6.09 -24.99 2.44
C ALA A 82 -5.60 -24.70 1.04
N ILE A 83 -4.92 -23.57 0.86
CA ILE A 83 -4.38 -23.18 -0.44
C ILE A 83 -2.91 -23.57 -0.49
N THR A 84 -2.55 -24.38 -1.47
CA THR A 84 -1.21 -24.91 -1.65
C THR A 84 -0.50 -24.08 -2.71
N LEU A 85 0.83 -24.01 -2.63
CA LEU A 85 1.64 -23.28 -3.61
C LEU A 85 1.47 -23.82 -5.03
N ALA A 86 1.13 -25.11 -5.16
CA ALA A 86 0.82 -25.66 -6.48
C ALA A 86 -0.42 -25.03 -7.09
N ASP A 87 -1.39 -24.63 -6.25
CA ASP A 87 -2.58 -23.96 -6.78
C ASP A 87 -2.26 -22.53 -7.23
N VAL A 88 -1.36 -21.86 -6.51
CA VAL A 88 -0.88 -20.55 -6.95
C VAL A 88 -0.09 -20.67 -8.24
N TRP A 89 0.66 -21.77 -8.39
CA TRP A 89 1.39 -22.01 -9.63
C TRP A 89 0.46 -22.34 -10.77
N ILE A 90 -0.67 -23.02 -10.50
CA ILE A 90 -1.66 -23.29 -11.53
C ILE A 90 -2.33 -22.00 -11.99
N LEU A 91 -2.68 -21.13 -11.04
CA LEU A 91 -3.31 -19.85 -11.38
C LEU A 91 -2.34 -18.97 -12.17
N LEU A 92 -1.09 -18.88 -11.72
CA LEU A 92 -0.11 -18.08 -12.42
C LEU A 92 0.30 -18.71 -13.74
N SER A 93 0.18 -20.04 -13.88
CA SER A 93 0.48 -20.68 -15.16
C SER A 93 -0.61 -20.40 -16.18
N ILE A 94 -1.88 -20.46 -15.75
CA ILE A 94 -3.00 -20.10 -16.62
C ILE A 94 -2.88 -18.66 -17.06
N LEU A 95 -2.54 -17.78 -16.12
CA LEU A 95 -2.40 -16.36 -16.41
C LEU A 95 -1.20 -16.10 -17.32
N LYS A 96 -0.09 -16.81 -17.10
CA LYS A 96 1.09 -16.66 -17.93
C LYS A 96 0.84 -17.15 -19.35
N VAL A 97 0.13 -18.27 -19.50
CA VAL A 97 -0.20 -18.79 -20.82
C VAL A 97 -1.14 -17.84 -21.57
N LEU A 98 -2.06 -17.20 -20.84
CA LEU A 98 -2.92 -16.20 -21.48
C LEU A 98 -2.12 -14.99 -21.95
N CYS A 99 -1.14 -14.54 -21.16
CA CYS A 99 -0.26 -13.49 -21.64
C CYS A 99 0.61 -13.95 -22.81
N LEU A 100 1.02 -15.22 -22.82
CA LEU A 100 1.80 -15.74 -23.94
C LEU A 100 1.01 -15.74 -25.23
N CYS A 101 -0.25 -16.20 -25.17
CA CYS A 101 -1.12 -16.17 -26.34
C CYS A 101 -1.37 -14.75 -26.80
N TRP A 102 -1.51 -13.80 -25.86
CA TRP A 102 -1.75 -12.43 -26.30
C TRP A 102 -0.51 -11.81 -26.93
N ILE A 103 0.67 -11.99 -26.34
CA ILE A 103 1.85 -11.34 -26.91
C ILE A 103 2.28 -12.05 -28.19
N ILE A 104 1.98 -13.34 -28.32
CA ILE A 104 2.28 -14.04 -29.56
C ILE A 104 1.34 -13.58 -30.66
N TYR A 105 0.05 -13.41 -30.33
CA TYR A 105 -0.89 -12.82 -31.30
C TYR A 105 -0.50 -11.39 -31.64
N TYR A 106 0.07 -10.67 -30.68
CA TYR A 106 0.56 -9.31 -30.94
C TYR A 106 1.70 -9.33 -31.95
N LEU A 107 2.75 -10.11 -31.66
CA LEU A 107 3.94 -10.18 -32.50
C LEU A 107 3.65 -10.77 -33.87
N LEU A 108 2.60 -11.58 -34.00
CA LEU A 108 2.35 -12.24 -35.27
C LEU A 108 1.23 -11.60 -36.09
N GLY A 109 0.26 -10.93 -35.48
CA GLY A 109 -0.84 -10.41 -36.25
C GLY A 109 -1.35 -9.05 -35.84
N THR A 110 -0.74 -8.41 -34.83
CA THR A 110 -1.12 -7.04 -34.50
C THR A 110 -0.08 -6.03 -34.95
N SER A 111 1.20 -6.42 -34.94
CA SER A 111 2.31 -5.53 -35.26
C SER A 111 2.52 -5.33 -36.76
N ARG A 112 1.59 -5.79 -37.60
CA ARG A 112 1.76 -5.77 -39.05
C ARG A 112 0.86 -4.76 -39.74
N GLN A 113 -0.31 -4.46 -39.17
CA GLN A 113 -1.17 -3.42 -39.67
C GLN A 113 -0.56 -2.05 -39.32
N PRO A 114 -0.96 -0.96 -40.03
CA PRO A 114 -0.39 0.36 -39.73
C PRO A 114 -0.68 0.89 -38.33
N HIS A 115 0.38 1.06 -37.55
CA HIS A 115 0.35 1.67 -36.22
C HIS A 115 0.72 3.15 -36.33
N ALA A 116 0.95 3.80 -35.19
CA ALA A 116 1.43 5.17 -35.21
C ALA A 116 2.93 5.21 -35.42
N VAL A 117 3.38 6.26 -36.09
CA VAL A 117 4.80 6.48 -36.30
C VAL A 117 5.37 7.24 -35.10
N ALA A 125 16.60 7.18 -20.96
CA ALA A 125 15.58 6.15 -21.13
C ALA A 125 15.93 4.96 -22.08
N PRO A 126 16.26 5.19 -23.37
CA PRO A 126 16.25 4.04 -24.29
C PRO A 126 17.50 3.18 -24.25
N VAL A 127 18.45 3.42 -23.35
CA VAL A 127 19.73 2.74 -23.36
C VAL A 127 19.97 1.95 -22.08
N TRP A 128 19.34 2.34 -20.97
CA TRP A 128 19.65 1.65 -19.73
C TRP A 128 18.51 0.79 -19.22
N ILE A 129 17.24 1.18 -19.47
CA ILE A 129 16.11 0.33 -19.11
C ILE A 129 16.13 -0.93 -19.96
N ARG A 130 16.42 -0.80 -21.25
CA ARG A 130 16.53 -1.95 -22.15
C ARG A 130 17.69 -2.86 -21.76
N GLY A 131 18.83 -2.27 -21.41
CA GLY A 131 20.00 -3.07 -21.06
C GLY A 131 19.81 -3.81 -19.74
N SER A 132 19.30 -3.11 -18.74
CA SER A 132 18.95 -3.77 -17.48
C SER A 132 17.83 -4.79 -17.68
N LEU A 133 16.93 -4.56 -18.63
CA LEU A 133 15.86 -5.50 -18.90
C LEU A 133 16.41 -6.80 -19.46
N LEU A 134 17.33 -6.71 -20.42
CA LEU A 134 17.96 -7.91 -20.95
C LEU A 134 18.87 -8.59 -19.92
N LEU A 135 19.53 -7.78 -19.07
CA LEU A 135 20.40 -8.33 -18.04
C LEU A 135 19.62 -9.12 -17.00
N PHE A 136 18.58 -8.50 -16.44
CA PHE A 136 17.77 -9.17 -15.43
C PHE A 136 16.93 -10.29 -16.05
N GLY A 137 16.59 -10.19 -17.34
CA GLY A 137 15.92 -11.28 -18.02
C GLY A 137 16.81 -12.50 -18.19
N THR A 138 18.07 -12.27 -18.58
CA THR A 138 19.03 -13.36 -18.70
C THR A 138 19.32 -14.01 -17.36
N PHE A 139 19.47 -13.20 -16.31
CA PHE A 139 19.75 -13.78 -15.01
C PHE A 139 18.53 -14.43 -14.38
N SER A 140 17.31 -14.03 -14.74
CA SER A 140 16.14 -14.74 -14.25
C SER A 140 15.89 -16.04 -15.01
N ILE A 141 16.20 -16.07 -16.32
CA ILE A 141 16.21 -17.33 -17.06
C ILE A 141 17.22 -18.30 -16.45
N LEU A 142 18.41 -17.79 -16.12
CA LEU A 142 19.41 -18.61 -15.44
C LEU A 142 18.95 -19.02 -14.05
N LEU A 143 18.22 -18.16 -13.35
CA LEU A 143 17.69 -18.51 -12.03
C LEU A 143 16.68 -19.64 -12.11
N ASN A 144 15.81 -19.60 -13.12
CA ASN A 144 14.84 -20.68 -13.27
C ASN A 144 15.49 -21.97 -13.76
N VAL A 145 16.59 -21.87 -14.52
CA VAL A 145 17.37 -23.05 -14.86
C VAL A 145 18.01 -23.65 -13.61
N PHE A 146 18.52 -22.79 -12.73
CA PHE A 146 19.06 -23.24 -11.44
C PHE A 146 17.98 -23.89 -10.58
N GLN A 147 16.75 -23.36 -10.64
CA GLN A 147 15.64 -23.93 -9.88
C GLN A 147 15.23 -25.30 -10.43
N ILE A 148 15.25 -25.45 -11.76
CA ILE A 148 14.95 -26.73 -12.39
C ILE A 148 16.01 -27.76 -12.01
N GLY A 149 17.28 -27.38 -12.08
CA GLY A 149 18.35 -28.30 -11.70
C GLY A 149 18.35 -28.63 -10.21
N TYR A 150 17.90 -27.71 -9.38
CA TYR A 150 17.68 -28.01 -7.97
C TYR A 150 16.50 -28.96 -7.79
N SER A 151 15.54 -28.92 -8.72
CA SER A 151 14.34 -29.75 -8.59
C SER A 151 14.61 -31.19 -9.04
N VAL A 152 15.45 -31.37 -10.07
CA VAL A 152 15.51 -32.67 -10.75
C VAL A 152 16.65 -33.55 -10.25
N ILE A 153 17.73 -32.98 -9.71
CA ILE A 153 18.95 -33.74 -9.46
C ILE A 153 19.04 -34.24 -8.02
N GLN A 154 18.90 -33.34 -7.04
CA GLN A 154 19.00 -33.78 -5.65
C GLN A 154 17.77 -34.57 -5.22
N ILE A 155 16.60 -33.93 -5.23
CA ILE A 155 15.37 -34.57 -4.77
C ILE A 155 14.76 -35.21 -6.00
N ASN A 156 15.12 -36.48 -6.23
CA ASN A 156 14.59 -37.22 -7.36
C ASN A 156 13.25 -37.89 -7.06
N CYS A 157 12.87 -37.96 -5.78
CA CYS A 157 11.61 -38.58 -5.37
C CYS A 157 10.51 -37.53 -5.47
N LYS A 158 10.17 -37.18 -6.71
CA LYS A 158 9.13 -36.20 -7.00
C LYS A 158 8.31 -36.71 -8.17
N SER A 159 7.23 -35.99 -8.45
CA SER A 159 6.46 -36.19 -9.68
C SER A 159 6.94 -35.18 -10.71
N LYS A 160 6.20 -35.04 -11.80
CA LYS A 160 6.55 -34.11 -12.88
C LYS A 160 5.85 -32.77 -12.73
N VAL A 161 5.60 -32.32 -11.51
CA VAL A 161 4.82 -31.11 -11.30
C VAL A 161 5.71 -29.87 -11.26
N GLU A 162 6.82 -29.94 -10.52
CA GLU A 162 7.66 -28.76 -10.28
C GLU A 162 8.65 -28.48 -11.39
N ILE A 163 8.48 -29.07 -12.57
CA ILE A 163 9.35 -28.81 -13.71
C ILE A 163 8.63 -28.01 -14.77
N VAL A 164 7.32 -28.24 -14.92
CA VAL A 164 6.54 -27.56 -15.95
C VAL A 164 6.33 -26.09 -15.61
N PHE A 165 6.03 -25.76 -14.35
CA PHE A 165 5.78 -24.39 -13.93
C PHE A 165 7.00 -23.48 -14.04
N PRO A 166 8.25 -23.92 -13.75
CA PRO A 166 9.38 -23.08 -14.15
C PRO A 166 9.65 -23.07 -15.65
N SER A 167 9.15 -24.05 -16.41
CA SER A 167 9.39 -24.04 -17.84
C SER A 167 8.55 -22.99 -18.55
N ILE A 168 7.28 -22.86 -18.14
CA ILE A 168 6.45 -21.76 -18.63
C ILE A 168 6.99 -20.43 -18.13
N GLU A 169 7.62 -20.44 -16.95
CA GLU A 169 8.28 -19.24 -16.44
C GLU A 169 9.46 -18.83 -17.32
N ILE A 170 10.26 -19.81 -17.76
CA ILE A 170 11.39 -19.54 -18.65
C ILE A 170 10.90 -18.98 -19.97
N LEU A 171 9.86 -19.61 -20.54
CA LEU A 171 9.29 -19.14 -21.79
C LEU A 171 8.70 -17.74 -21.66
N PHE A 172 8.06 -17.46 -20.52
CA PHE A 172 7.45 -16.16 -20.27
C PHE A 172 8.48 -15.06 -20.05
N VAL A 173 9.57 -15.34 -19.34
CA VAL A 173 10.66 -14.36 -19.23
C VAL A 173 11.30 -14.12 -20.58
N ALA A 174 11.45 -15.16 -21.40
CA ALA A 174 12.11 -15.03 -22.70
C ALA A 174 11.32 -14.16 -23.67
N THR A 175 10.06 -14.52 -23.94
CA THR A 175 9.34 -13.78 -24.98
C THR A 175 8.84 -12.42 -24.50
N GLN A 176 8.68 -12.21 -23.19
CA GLN A 176 8.35 -10.87 -22.72
C GLN A 176 9.54 -9.94 -22.85
N ALA A 177 10.76 -10.48 -22.64
CA ALA A 177 11.95 -9.68 -22.86
C ALA A 177 12.13 -9.35 -24.33
N PHE A 178 11.88 -10.33 -25.21
CA PHE A 178 11.96 -10.08 -26.64
C PHE A 178 10.88 -9.11 -27.11
N PHE A 179 9.70 -9.17 -26.49
CA PHE A 179 8.59 -8.31 -26.88
C PHE A 179 8.79 -6.89 -26.38
N LEU A 180 9.34 -6.72 -25.18
CA LEU A 180 9.61 -5.41 -24.63
C LEU A 180 10.88 -4.78 -25.17
N TRP A 181 11.77 -5.58 -25.80
CA TRP A 181 12.95 -5.00 -26.42
C TRP A 181 12.59 -4.13 -27.61
N HIS A 182 11.80 -4.66 -28.54
CA HIS A 182 11.49 -3.93 -29.75
C HIS A 182 10.27 -3.03 -29.59
N HIS A 183 9.17 -3.57 -29.07
CA HIS A 183 7.91 -2.84 -28.98
C HIS A 183 7.77 -2.22 -27.60
N SER A 184 8.45 -1.08 -27.42
CA SER A 184 8.28 -0.31 -26.20
C SER A 184 7.67 1.04 -26.53
N LYS A 185 8.30 1.80 -27.42
CA LYS A 185 7.79 3.12 -27.80
C LYS A 185 7.12 3.04 -29.18
N ASP A 186 5.95 2.41 -29.21
CA ASP A 186 5.16 2.35 -30.42
C ASP A 186 3.68 2.40 -30.07
N CYS A 187 3.06 3.54 -30.35
CA CYS A 187 1.67 3.79 -30.00
C CYS A 187 0.74 2.95 -30.86
N ILE A 188 0.08 1.98 -30.22
CA ILE A 188 -0.77 1.01 -30.89
C ILE A 188 -2.03 1.71 -31.35
N GLN A 189 -2.46 1.41 -32.57
CA GLN A 189 -3.57 2.16 -33.18
C GLN A 189 -4.69 1.29 -33.70
N VAL A 190 -4.46 -0.02 -33.88
CA VAL A 190 -5.44 -0.82 -34.61
C VAL A 190 -6.42 -1.50 -33.65
N GLN A 191 -5.90 -2.16 -32.60
CA GLN A 191 -6.74 -2.89 -31.67
C GLN A 191 -6.50 -2.31 -30.28
N HIS A 192 -7.21 -1.24 -29.95
CA HIS A 192 -6.95 -0.49 -28.72
C HIS A 192 -7.39 -1.26 -27.50
N ASN A 193 -8.67 -1.65 -27.45
CA ASN A 193 -9.23 -2.25 -26.25
C ASN A 193 -8.70 -3.66 -26.02
N LEU A 194 -8.27 -4.34 -27.08
CA LEU A 194 -7.66 -5.65 -26.87
C LEU A 194 -6.25 -5.50 -26.33
N THR A 195 -5.50 -4.51 -26.82
CA THR A 195 -4.15 -4.27 -26.34
C THR A 195 -4.14 -3.81 -24.89
N ARG A 196 -5.11 -2.99 -24.48
CA ARG A 196 -5.13 -2.51 -23.10
C ARG A 196 -5.45 -3.63 -22.13
N CYS A 197 -6.40 -4.49 -22.48
CA CYS A 197 -6.68 -5.66 -21.66
C CYS A 197 -5.52 -6.64 -21.64
N GLY A 198 -4.79 -6.77 -22.76
CA GLY A 198 -3.64 -7.64 -22.76
C GLY A 198 -2.50 -7.13 -21.91
N LEU A 199 -2.20 -5.83 -22.03
CA LEU A 199 -1.12 -5.22 -21.24
C LEU A 199 -1.47 -5.19 -19.77
N MET A 200 -2.75 -4.96 -19.44
CA MET A 200 -3.14 -4.96 -18.04
C MET A 200 -3.18 -6.36 -17.45
N LEU A 201 -3.51 -7.37 -18.27
CA LEU A 201 -3.34 -8.75 -17.81
C LEU A 201 -1.89 -9.07 -17.57
N THR A 202 -1.00 -8.57 -18.43
CA THR A 202 0.43 -8.82 -18.25
C THR A 202 0.98 -8.12 -17.01
N ILE A 203 0.51 -6.89 -16.76
CA ILE A 203 0.90 -6.16 -15.55
C ILE A 203 0.37 -6.84 -14.30
N ALA A 204 -0.86 -7.36 -14.36
CA ALA A 204 -1.41 -8.12 -13.25
C ALA A 204 -0.61 -9.38 -12.97
N THR A 205 -0.16 -10.07 -14.02
CA THR A 205 0.65 -11.26 -13.81
C THR A 205 2.03 -10.92 -13.27
N ASN A 206 2.61 -9.82 -13.72
CA ASN A 206 3.91 -9.41 -13.20
C ASN A 206 3.81 -8.97 -11.75
N LEU A 207 2.71 -8.31 -11.37
CA LEU A 207 2.53 -7.91 -9.99
C LEU A 207 2.27 -9.11 -9.09
N LEU A 208 1.54 -10.11 -9.60
CA LEU A 208 1.33 -11.32 -8.80
C LEU A 208 2.61 -12.14 -8.69
N LEU A 209 3.44 -12.12 -9.74
CA LEU A 209 4.73 -12.81 -9.67
C LEU A 209 5.68 -12.09 -8.72
N TRP A 210 5.66 -10.75 -8.72
CA TRP A 210 6.46 -9.99 -7.79
C TRP A 210 6.00 -10.21 -6.35
N LEU A 211 4.68 -10.29 -6.14
CA LEU A 211 4.16 -10.53 -4.80
C LEU A 211 4.50 -11.92 -4.30
N LEU A 212 4.46 -12.92 -5.19
CA LEU A 212 4.89 -14.27 -4.82
C LEU A 212 6.39 -14.31 -4.57
N ALA A 213 7.17 -13.53 -5.32
CA ALA A 213 8.62 -13.48 -5.09
C ALA A 213 8.95 -12.80 -3.76
N VAL A 214 8.16 -11.81 -3.38
CA VAL A 214 8.36 -11.12 -2.12
C VAL A 214 8.01 -12.04 -0.96
N THR A 215 6.82 -12.63 -0.99
CA THR A 215 6.33 -13.40 0.15
C THR A 215 6.60 -14.89 0.05
N ASN A 216 7.44 -15.34 -0.87
CA ASN A 216 7.71 -16.76 -1.05
C ASN A 216 8.95 -17.14 -0.25
N ASP A 217 8.74 -17.51 1.01
CA ASP A 217 9.80 -17.93 1.90
C ASP A 217 10.09 -19.43 1.79
N SER A 218 9.47 -20.12 0.83
CA SER A 218 9.34 -21.57 0.89
C SER A 218 10.67 -22.26 0.64
N ILE A 219 11.35 -21.94 -0.46
CA ILE A 219 12.63 -22.57 -0.74
C ILE A 219 13.73 -21.98 0.14
N HIS A 220 13.65 -20.68 0.43
CA HIS A 220 14.68 -19.98 1.20
C HIS A 220 14.81 -20.51 2.62
N MET A 221 13.72 -21.02 3.19
CA MET A 221 13.83 -21.72 4.46
C MET A 221 14.08 -23.21 4.25
N GLU A 222 13.75 -23.74 3.07
CA GLU A 222 14.04 -25.14 2.77
C GLU A 222 15.54 -25.35 2.55
N ILE A 223 16.20 -24.39 1.92
CA ILE A 223 17.65 -24.49 1.70
C ILE A 223 18.39 -24.45 3.02
N GLU A 224 18.00 -23.55 3.90
CA GLU A 224 18.66 -23.40 5.19
C GLU A 224 18.24 -24.45 6.21
N SER A 225 17.37 -25.41 5.84
CA SER A 225 17.13 -26.54 6.72
C SER A 225 18.23 -27.58 6.58
N GLN A 226 18.65 -27.88 5.35
CA GLN A 226 19.75 -28.79 5.13
C GLN A 226 21.09 -28.20 5.55
N LEU A 227 21.21 -26.88 5.59
CA LEU A 227 22.48 -26.25 5.99
C LEU A 227 22.69 -26.32 7.49
N ARG A 228 21.68 -26.70 8.26
CA ARG A 228 21.87 -26.95 9.67
C ARG A 228 22.55 -28.31 9.87
N THR A 247 26.00 -32.41 -2.90
CA THR A 247 27.21 -31.78 -2.41
C THR A 247 28.14 -31.43 -3.57
N THR A 248 27.99 -32.17 -4.66
CA THR A 248 28.83 -31.94 -5.83
C THR A 248 28.29 -30.81 -6.71
N THR A 249 27.00 -30.88 -7.05
CA THR A 249 26.36 -29.87 -7.88
C THR A 249 25.12 -29.26 -7.25
N CYS A 250 24.53 -29.91 -6.25
CA CYS A 250 23.36 -29.32 -5.60
C CYS A 250 23.73 -28.12 -4.74
N LYS A 251 24.95 -28.10 -4.19
CA LYS A 251 25.45 -26.92 -3.51
C LYS A 251 25.64 -25.77 -4.49
N VAL A 252 26.10 -26.08 -5.72
CA VAL A 252 26.20 -25.08 -6.78
C VAL A 252 24.83 -24.53 -7.11
N PHE A 253 23.82 -25.41 -7.18
CA PHE A 253 22.47 -24.98 -7.55
C PHE A 253 21.83 -24.13 -6.46
N GLN A 254 22.02 -24.50 -5.19
CA GLN A 254 21.49 -23.71 -4.09
C GLN A 254 22.17 -22.36 -3.98
N LYS A 255 23.51 -22.34 -4.13
CA LYS A 255 24.28 -21.10 -4.12
C LYS A 255 23.81 -20.16 -5.22
N GLY A 256 23.65 -20.68 -6.44
CA GLY A 256 23.20 -19.86 -7.55
C GLY A 256 21.78 -19.38 -7.39
N TYR A 257 20.90 -20.21 -6.80
CA TYR A 257 19.51 -19.80 -6.60
C TYR A 257 19.41 -18.66 -5.59
N ILE A 258 20.09 -18.79 -4.46
CA ILE A 258 20.06 -17.73 -3.45
C ILE A 258 20.76 -16.47 -3.96
N LEU A 259 21.87 -16.63 -4.69
CA LEU A 259 22.58 -15.48 -5.22
C LEU A 259 21.78 -14.76 -6.31
N LEU A 260 20.95 -15.47 -7.05
CA LEU A 260 20.27 -14.88 -8.19
C LEU A 260 18.80 -14.58 -7.92
N TYR A 261 18.30 -14.89 -6.73
CA TYR A 261 16.90 -14.62 -6.41
C TYR A 261 16.42 -13.16 -6.52
N PRO A 262 17.20 -12.11 -6.21
CA PRO A 262 16.68 -10.75 -6.45
C PRO A 262 16.57 -10.36 -7.91
N PHE A 263 17.16 -11.12 -8.84
CA PHE A 263 17.16 -10.72 -10.23
C PHE A 263 15.78 -10.86 -10.85
N ASN A 264 15.04 -11.92 -10.49
CA ASN A 264 13.67 -12.06 -10.98
C ASN A 264 12.74 -11.05 -10.33
N THR A 265 12.92 -10.81 -9.03
CA THR A 265 12.08 -9.87 -8.30
C THR A 265 12.25 -8.45 -8.81
N GLU A 266 13.44 -8.10 -9.28
CA GLU A 266 13.62 -6.79 -9.87
C GLU A 266 13.28 -6.76 -11.35
N TYR A 267 13.37 -7.91 -12.03
CA TYR A 267 12.91 -8.03 -13.41
C TYR A 267 11.41 -7.78 -13.51
N CYS A 268 10.65 -8.26 -12.52
CA CYS A 268 9.21 -8.02 -12.48
C CYS A 268 8.89 -6.55 -12.38
N LEU A 269 9.67 -5.79 -11.61
CA LEU A 269 9.43 -4.36 -11.45
C LEU A 269 9.83 -3.59 -12.70
N ILE A 270 10.92 -4.01 -13.36
CA ILE A 270 11.32 -3.39 -14.62
C ILE A 270 10.24 -3.58 -15.68
N CYS A 271 9.74 -4.82 -15.80
CA CYS A 271 8.67 -5.10 -16.75
C CYS A 271 7.40 -4.34 -16.42
N CYS A 272 7.07 -4.23 -15.12
CA CYS A 272 5.89 -3.47 -14.70
C CYS A 272 6.01 -2.00 -15.09
N SER A 273 7.21 -1.43 -14.93
CA SER A 273 7.42 -0.03 -15.30
C SER A 273 7.29 0.19 -16.81
N VAL A 274 7.92 -0.68 -17.61
CA VAL A 274 7.88 -0.44 -19.05
C VAL A 274 6.51 -0.78 -19.66
N LEU A 275 5.82 -1.81 -19.14
CA LEU A 275 4.46 -2.09 -19.61
C LEU A 275 3.50 -1.01 -19.17
N TYR A 276 3.72 -0.41 -17.98
CA TYR A 276 2.90 0.70 -17.57
C TYR A 276 3.09 1.90 -18.49
N VAL A 277 4.34 2.15 -18.91
CA VAL A 277 4.59 3.24 -19.86
C VAL A 277 3.89 2.98 -21.18
N MET A 278 3.98 1.75 -21.69
CA MET A 278 3.43 1.45 -23.00
C MET A 278 1.95 1.14 -23.00
N TRP A 279 1.25 1.14 -21.84
CA TRP A 279 -0.19 1.32 -21.94
C TRP A 279 -0.66 2.69 -21.50
N LYS A 280 0.15 3.46 -20.77
CA LYS A 280 -0.31 4.77 -20.34
C LYS A 280 -0.11 5.82 -21.42
N ASN A 281 1.14 6.13 -21.76
CA ASN A 281 1.34 7.22 -22.72
C ASN A 281 1.25 6.71 -24.14
N VAL A 282 2.17 5.86 -24.49
CA VAL A 282 1.99 4.89 -25.56
C VAL A 282 0.76 4.07 -25.25
N GLY A 283 -0.08 3.83 -26.25
CA GLY A 283 -1.23 2.96 -26.11
C GLY A 283 -2.56 3.60 -26.41
N ARG A 284 -2.58 4.88 -26.74
CA ARG A 284 -3.81 5.61 -27.00
C ARG A 284 -4.50 5.13 -28.27
N PHE A 305 38.72 15.17 -12.38
CA PHE A 305 38.96 15.32 -10.95
C PHE A 305 37.89 14.59 -10.15
N GLY A 306 36.64 15.00 -10.33
CA GLY A 306 35.49 14.30 -9.80
C GLY A 306 35.34 12.87 -10.26
N PRO A 307 35.39 12.62 -11.58
CA PRO A 307 35.45 11.24 -12.08
C PRO A 307 36.59 10.40 -11.55
N LEU A 308 37.71 11.00 -11.14
CA LEU A 308 38.81 10.22 -10.58
C LEU A 308 38.45 9.62 -9.23
N LEU A 309 37.91 10.45 -8.33
CA LEU A 309 37.44 9.95 -7.04
C LEU A 309 36.23 9.04 -7.21
N GLY A 310 35.39 9.30 -8.22
CA GLY A 310 34.29 8.40 -8.50
C GLY A 310 34.75 7.03 -8.95
N ALA A 311 35.75 6.98 -9.82
CA ALA A 311 36.31 5.71 -10.26
C ALA A 311 37.02 4.98 -9.12
N ALA A 312 37.67 5.73 -8.23
CA ALA A 312 38.26 5.12 -7.04
C ALA A 312 37.18 4.51 -6.15
N ALA A 313 36.05 5.21 -6.02
CA ALA A 313 34.91 4.68 -5.26
C ALA A 313 34.37 3.41 -5.89
N VAL A 314 34.30 3.37 -7.22
CA VAL A 314 33.79 2.19 -7.92
C VAL A 314 34.75 1.01 -7.75
N ILE A 315 36.06 1.24 -7.82
CA ILE A 315 37.03 0.16 -7.68
C ILE A 315 37.04 -0.39 -6.25
N ILE A 316 37.05 0.49 -5.24
CA ILE A 316 37.03 0.01 -3.87
C ILE A 316 35.70 -0.68 -3.53
N GLY A 317 34.60 -0.21 -4.12
CA GLY A 317 33.33 -0.89 -3.94
C GLY A 317 33.30 -2.27 -4.58
N ILE A 318 33.92 -2.41 -5.75
CA ILE A 318 34.05 -3.72 -6.39
C ILE A 318 34.92 -4.65 -5.55
N CYS A 319 35.98 -4.11 -4.94
CA CYS A 319 36.85 -4.93 -4.09
C CYS A 319 36.12 -5.43 -2.85
N VAL A 320 35.40 -4.54 -2.14
CA VAL A 320 34.70 -5.00 -0.94
C VAL A 320 33.53 -5.90 -1.30
N PHE A 321 32.90 -5.67 -2.46
CA PHE A 321 31.79 -6.51 -2.90
C PHE A 321 32.26 -7.90 -3.28
N MET A 322 33.37 -8.00 -4.01
CA MET A 322 33.90 -9.31 -4.37
C MET A 322 34.46 -10.04 -3.17
N MET A 323 35.04 -9.30 -2.20
CA MET A 323 35.50 -9.94 -0.97
C MET A 323 34.35 -10.49 -0.14
N TYR A 324 33.27 -9.72 0.00
CA TYR A 324 32.10 -10.20 0.73
C TYR A 324 31.40 -11.32 -0.02
N GLN A 325 31.42 -11.31 -1.36
CA GLN A 325 30.73 -12.35 -2.09
C GLN A 325 31.53 -13.64 -2.14
N ILE A 326 32.86 -13.54 -2.16
CA ILE A 326 33.70 -14.74 -2.09
C ILE A 326 33.62 -15.35 -0.71
N GLN A 327 33.60 -14.52 0.33
CA GLN A 327 33.44 -15.04 1.69
C GLN A 327 32.02 -15.52 1.93
N ALA A 328 31.04 -14.95 1.21
CA ALA A 328 29.64 -15.17 1.51
C ALA A 328 29.11 -16.47 0.91
N THR A 329 29.52 -16.79 -0.33
CA THR A 329 29.14 -18.04 -0.98
C THR A 329 30.23 -19.09 -0.84
N GLY A 330 30.97 -19.07 0.25
CA GLY A 330 31.89 -20.14 0.55
C GLY A 330 31.48 -20.84 1.82
N SER A 331 30.90 -20.09 2.74
CA SER A 331 30.40 -20.57 4.03
C SER A 331 29.54 -19.47 4.62
N ALA A 332 29.09 -19.67 5.87
CA ALA A 332 28.61 -18.56 6.68
C ALA A 332 29.80 -17.64 6.87
N PRO A 333 29.77 -16.42 6.26
CA PRO A 333 31.01 -15.75 5.83
C PRO A 333 32.04 -15.41 6.90
N ASN A 334 31.71 -14.48 7.81
CA ASN A 334 32.66 -13.96 8.80
C ASN A 334 31.97 -12.99 9.74
N TYR A 335 32.74 -12.44 10.68
CA TYR A 335 32.34 -11.28 11.45
C TYR A 335 32.92 -9.99 10.89
N GLN A 336 34.16 -10.02 10.40
CA GLN A 336 34.86 -8.80 10.04
C GLN A 336 34.46 -8.27 8.67
N VAL A 337 33.92 -9.13 7.81
CA VAL A 337 33.58 -8.68 6.47
C VAL A 337 32.31 -7.82 6.51
N PHE A 338 31.45 -8.05 7.50
CA PHE A 338 30.32 -7.16 7.75
C PHE A 338 30.79 -5.77 8.11
N VAL A 339 31.80 -5.69 8.99
CA VAL A 339 32.36 -4.41 9.42
C VAL A 339 33.03 -3.73 8.25
N LEU A 340 33.68 -4.50 7.37
CA LEU A 340 34.32 -3.95 6.18
C LEU A 340 33.29 -3.34 5.22
N TYR A 341 32.21 -4.09 4.95
CA TYR A 341 31.16 -3.63 4.06
C TYR A 341 30.46 -2.39 4.60
N TYR A 342 30.08 -2.43 5.89
CA TYR A 342 29.37 -1.31 6.48
C TYR A 342 30.28 -0.10 6.66
N SER A 343 31.58 -0.30 6.89
CA SER A 343 32.48 0.84 6.99
C SER A 343 32.74 1.45 5.62
N TYR A 344 32.70 0.64 4.56
CA TYR A 344 32.72 1.23 3.22
C TYR A 344 31.48 2.08 2.98
N TYR A 345 30.33 1.62 3.49
CA TYR A 345 29.10 2.41 3.41
C TYR A 345 29.20 3.71 4.21
N ILE A 346 29.76 3.66 5.42
CA ILE A 346 29.86 4.84 6.28
C ILE A 346 31.00 5.76 5.80
N VAL A 347 31.89 5.27 4.95
CA VAL A 347 32.82 6.21 4.32
C VAL A 347 32.17 6.84 3.09
N LEU A 348 31.45 6.06 2.29
CA LEU A 348 30.95 6.57 1.02
C LEU A 348 29.72 7.46 1.19
N LEU A 349 28.75 7.06 1.99
CA LEU A 349 27.47 7.74 2.05
C LEU A 349 27.51 9.14 2.66
N PRO A 350 28.26 9.44 3.75
CA PRO A 350 28.40 10.85 4.15
C PRO A 350 29.03 11.74 3.12
N LEU A 351 29.94 11.22 2.30
CA LEU A 351 30.47 12.02 1.20
C LEU A 351 29.39 12.33 0.18
N MET A 352 28.48 11.38 -0.06
CA MET A 352 27.39 11.62 -0.98
C MET A 352 26.36 12.59 -0.39
N CYS A 353 26.13 12.54 0.92
CA CYS A 353 25.26 13.52 1.58
C CYS A 353 25.85 14.92 1.51
N VAL A 354 27.14 15.06 1.82
CA VAL A 354 27.79 16.36 1.81
C VAL A 354 27.84 16.93 0.40
N VAL A 355 28.13 16.07 -0.59
CA VAL A 355 28.17 16.48 -1.98
C VAL A 355 26.78 16.87 -2.49
N ALA A 356 25.73 16.14 -2.07
CA ALA A 356 24.38 16.50 -2.49
C ALA A 356 23.92 17.79 -1.83
N ILE A 357 24.30 18.03 -0.59
CA ILE A 357 23.95 19.27 0.09
C ILE A 357 24.66 20.46 -0.55
N ILE A 358 25.95 20.28 -0.90
CA ILE A 358 26.70 21.32 -1.60
C ILE A 358 26.07 21.61 -2.96
N GLY A 359 25.67 20.57 -3.69
CA GLY A 359 25.01 20.80 -4.97
C GLY A 359 23.67 21.49 -4.83
N THR A 360 22.96 21.23 -3.74
CA THR A 360 21.71 21.94 -3.48
C THR A 360 21.97 23.42 -3.20
N ILE A 361 23.03 23.74 -2.47
CA ILE A 361 23.36 25.14 -2.19
C ILE A 361 23.79 25.85 -3.48
N ILE A 362 24.53 25.15 -4.35
CA ILE A 362 24.89 25.75 -5.64
C ILE A 362 23.65 25.98 -6.51
N HIS A 363 22.66 25.08 -6.41
CA HIS A 363 21.41 25.31 -7.13
C HIS A 363 20.63 26.50 -6.57
N THR A 364 20.70 26.71 -5.25
CA THR A 364 20.12 27.93 -4.69
C THR A 364 20.94 29.18 -5.02
N LEU A 365 22.19 29.03 -5.40
CA LEU A 365 23.02 30.18 -5.75
C LEU A 365 22.86 30.61 -7.19
N GLU A 366 22.23 29.81 -8.04
CA GLU A 366 21.97 30.17 -9.42
C GLU A 366 20.46 30.30 -9.64
N LYS A 367 20.09 31.25 -10.51
CA LYS A 367 18.67 31.47 -10.81
C LYS A 367 18.46 31.52 -12.32
N PRO A 376 3.78 15.15 -16.68
CA PRO A 376 3.97 14.01 -17.59
C PRO A 376 5.25 13.23 -17.30
N THR A 377 6.30 13.50 -18.09
CA THR A 377 7.58 12.82 -17.90
C THR A 377 8.23 13.23 -16.58
N ARG A 378 8.17 14.53 -16.26
CA ARG A 378 8.74 15.01 -15.00
C ARG A 378 7.97 14.47 -13.80
N SER A 379 6.64 14.37 -13.90
CA SER A 379 5.83 13.87 -12.81
C SER A 379 6.04 12.38 -12.59
N LEU A 380 6.17 11.61 -13.69
CA LEU A 380 6.45 10.19 -13.56
C LEU A 380 7.83 9.95 -12.98
N ASP A 381 8.81 10.80 -13.34
CA ASP A 381 10.15 10.69 -12.77
C ASP A 381 10.14 11.00 -11.27
N VAL A 382 9.38 12.01 -10.86
CA VAL A 382 9.27 12.36 -9.43
C VAL A 382 8.64 11.22 -8.64
N VAL A 383 7.51 10.70 -9.14
CA VAL A 383 6.80 9.69 -8.37
C VAL A 383 7.58 8.37 -8.38
N LEU A 384 8.35 8.10 -9.44
CA LEU A 384 9.17 6.90 -9.47
C LEU A 384 10.31 7.00 -8.47
N LEU A 385 10.95 8.18 -8.39
CA LEU A 385 12.03 8.40 -7.42
C LEU A 385 11.52 8.26 -5.98
N MET A 386 10.38 8.89 -5.69
CA MET A 386 9.86 8.87 -4.32
C MET A 386 9.36 7.47 -3.93
N GLY A 387 8.60 6.83 -4.80
CA GLY A 387 8.09 5.50 -4.50
C GLY A 387 9.16 4.44 -4.47
N ALA A 388 10.25 4.63 -5.22
CA ALA A 388 11.36 3.70 -5.10
C ALA A 388 12.19 3.99 -3.86
N ALA A 389 12.19 5.24 -3.39
CA ALA A 389 12.92 5.57 -2.17
C ALA A 389 12.22 5.03 -0.93
N LEU A 390 10.89 4.91 -0.99
CA LEU A 390 10.10 4.53 0.19
C LEU A 390 10.44 3.15 0.72
N GLY A 391 10.85 2.23 -0.16
CA GLY A 391 11.15 0.88 0.30
C GLY A 391 12.39 0.82 1.16
N GLN A 392 13.48 1.45 0.71
CA GLN A 392 14.69 1.48 1.50
C GLN A 392 14.54 2.35 2.75
N ILE A 393 13.78 3.45 2.66
CA ILE A 393 13.53 4.29 3.83
C ILE A 393 12.74 3.53 4.88
N ALA A 394 11.73 2.75 4.45
CA ALA A 394 10.94 1.96 5.38
C ALA A 394 11.77 0.84 6.01
N MET A 395 12.56 0.12 5.21
CA MET A 395 13.36 -0.98 5.74
C MET A 395 14.42 -0.48 6.71
N SER A 396 15.02 0.68 6.43
CA SER A 396 16.01 1.23 7.34
C SER A 396 15.36 1.82 8.60
N TYR A 397 14.12 2.29 8.53
CA TYR A 397 13.45 2.72 9.75
C TYR A 397 13.11 1.53 10.64
N PHE A 398 12.73 0.41 10.02
CA PHE A 398 12.58 -0.85 10.75
C PHE A 398 13.91 -1.26 11.38
N SER A 399 15.01 -1.01 10.68
CA SER A 399 16.34 -1.33 11.23
C SER A 399 16.69 -0.44 12.41
N ILE A 400 16.38 0.86 12.31
CA ILE A 400 16.66 1.83 13.38
C ILE A 400 15.90 1.44 14.64
N VAL A 401 14.61 1.14 14.50
CA VAL A 401 13.79 0.73 15.63
C VAL A 401 14.28 -0.61 16.19
N ALA A 402 14.74 -1.51 15.31
CA ALA A 402 15.19 -2.82 15.76
C ALA A 402 16.51 -2.75 16.50
N ILE A 403 17.36 -1.76 16.21
CA ILE A 403 18.58 -1.61 16.99
C ILE A 403 18.30 -0.89 18.30
N VAL A 404 17.60 0.25 18.26
CA VAL A 404 17.39 1.02 19.47
C VAL A 404 16.42 0.37 20.45
N ALA A 405 15.62 -0.60 20.01
CA ALA A 405 14.80 -1.35 20.95
C ALA A 405 15.61 -2.42 21.66
N THR A 406 16.57 -3.02 20.95
CA THR A 406 17.57 -3.89 21.55
C THR A 406 18.75 -3.03 22.01
N ASN A 407 19.91 -3.64 22.28
CA ASN A 407 21.03 -2.88 22.81
C ASN A 407 21.93 -2.38 21.69
N PRO A 408 22.12 -1.07 21.55
CA PRO A 408 23.16 -0.55 20.64
C PRO A 408 24.56 -0.68 21.23
N ARG A 409 25.50 0.04 20.62
CA ARG A 409 26.84 0.31 21.17
C ARG A 409 27.70 -0.96 21.19
N ASP A 410 27.45 -1.86 20.25
CA ASP A 410 28.41 -2.89 19.88
C ASP A 410 29.20 -2.37 18.68
N MET A 411 30.07 -3.21 18.13
CA MET A 411 30.98 -2.73 17.09
C MET A 411 30.27 -2.50 15.78
N LEU A 412 29.74 -3.55 15.15
CA LEU A 412 29.03 -3.35 13.89
C LEU A 412 27.59 -2.96 14.11
N ASN A 413 27.05 -3.19 15.32
CA ASN A 413 25.67 -2.84 15.60
C ASN A 413 25.48 -1.33 15.64
N SER A 414 26.53 -0.59 15.97
CA SER A 414 26.52 0.85 15.80
C SER A 414 26.77 1.26 14.36
N LEU A 415 27.35 0.38 13.56
CA LEU A 415 27.57 0.68 12.15
C LEU A 415 26.30 0.49 11.32
N ILE A 416 25.44 -0.45 11.72
CA ILE A 416 24.17 -0.61 11.02
C ILE A 416 23.25 0.58 11.31
N LEU A 417 23.28 1.08 12.55
CA LEU A 417 22.46 2.24 12.93
C LEU A 417 22.89 3.48 12.17
N SER A 418 24.17 3.80 12.22
CA SER A 418 24.71 4.95 11.51
C SER A 418 24.56 4.78 10.00
N TYR A 419 24.70 3.55 9.50
CA TYR A 419 24.51 3.28 8.08
C TYR A 419 23.07 3.52 7.67
N SER A 420 22.11 3.13 8.50
CA SER A 420 20.69 3.32 8.16
C SER A 420 20.30 4.78 8.21
N VAL A 421 20.78 5.51 9.23
CA VAL A 421 20.47 6.94 9.34
C VAL A 421 21.11 7.71 8.19
N LEU A 422 22.36 7.37 7.85
CA LEU A 422 23.02 8.03 6.73
C LEU A 422 22.41 7.62 5.40
N LEU A 423 21.83 6.42 5.33
CA LEU A 423 21.14 6.03 4.10
C LEU A 423 19.86 6.81 3.91
N ILE A 424 19.09 7.01 5.00
CA ILE A 424 17.91 7.87 4.96
C ILE A 424 18.30 9.29 4.53
N PHE A 425 19.36 9.81 5.13
CA PHE A 425 19.77 11.18 4.84
C PHE A 425 20.33 11.31 3.43
N GLN A 426 20.98 10.26 2.92
CA GLN A 426 21.50 10.29 1.56
C GLN A 426 20.37 10.20 0.54
N TYR A 427 19.39 9.35 0.81
CA TYR A 427 18.19 9.27 -0.02
C TYR A 427 17.46 10.61 -0.08
N ILE A 428 17.35 11.27 1.07
CA ILE A 428 16.60 12.53 1.14
C ILE A 428 17.35 13.65 0.43
N THR A 429 18.66 13.81 0.71
CA THR A 429 19.42 14.88 0.08
C THR A 429 19.64 14.63 -1.40
N GLN A 430 19.85 13.37 -1.81
CA GLN A 430 19.97 13.06 -3.22
C GLN A 430 18.66 13.27 -3.95
N ASN A 431 17.53 12.97 -3.29
CA ASN A 431 16.23 13.24 -3.89
C ASN A 431 16.01 14.73 -4.06
N ILE A 432 16.36 15.53 -3.05
CA ILE A 432 16.24 16.98 -3.16
C ILE A 432 17.14 17.52 -4.27
N PHE A 433 18.33 16.94 -4.41
CA PHE A 433 19.27 17.34 -5.45
C PHE A 433 18.74 17.01 -6.84
N ILE A 434 18.13 15.84 -7.02
CA ILE A 434 17.65 15.46 -8.35
C ILE A 434 16.38 16.24 -8.71
N ILE A 435 15.47 16.41 -7.75
CA ILE A 435 14.23 17.13 -8.04
C ILE A 435 14.50 18.61 -8.28
N ASP A 436 15.51 19.19 -7.61
CA ASP A 436 15.90 20.55 -7.94
C ASP A 436 16.67 20.60 -9.25
N GLY A 437 17.41 19.54 -9.58
CA GLY A 437 18.24 19.56 -10.78
C GLY A 437 17.49 19.40 -12.08
N LEU A 438 16.23 19.00 -12.05
CA LEU A 438 15.46 18.77 -13.27
C LEU A 438 14.78 20.02 -13.80
N GLN A 439 15.06 21.18 -13.22
CA GLN A 439 14.53 22.43 -13.75
C GLN A 439 15.50 23.59 -13.51
N TRP A 488 32.83 28.37 -13.24
CA TRP A 488 33.23 27.85 -11.95
C TRP A 488 32.09 27.08 -11.29
N LYS A 489 30.86 27.46 -11.66
CA LYS A 489 29.66 26.82 -11.12
C LYS A 489 29.30 25.57 -11.91
N ARG A 490 29.29 25.67 -13.24
CA ARG A 490 28.84 24.57 -14.09
C ARG A 490 29.81 23.40 -14.05
N LYS A 491 31.12 23.69 -14.05
CA LYS A 491 32.12 22.63 -13.98
C LYS A 491 32.08 21.93 -12.63
N ALA A 492 31.88 22.69 -11.55
CA ALA A 492 31.75 22.10 -10.23
C ALA A 492 30.53 21.20 -10.15
N LEU A 493 29.39 21.66 -10.67
CA LEU A 493 28.18 20.85 -10.65
C LEU A 493 28.29 19.62 -11.54
N LYS A 494 29.05 19.72 -12.64
CA LYS A 494 29.31 18.56 -13.48
C LYS A 494 30.13 17.50 -12.74
N GLU A 495 31.13 17.94 -11.97
CA GLU A 495 31.89 17.00 -11.13
C GLU A 495 31.00 16.35 -10.07
N ILE A 496 30.12 17.15 -9.44
CA ILE A 496 29.15 16.64 -8.47
C ILE A 496 28.29 15.54 -9.11
N SER A 497 27.74 15.82 -10.29
CA SER A 497 26.81 14.91 -10.92
C SER A 497 27.50 13.63 -11.38
N PHE A 498 28.71 13.72 -11.95
CA PHE A 498 29.36 12.51 -12.43
C PHE A 498 29.91 11.66 -11.28
N PHE A 499 30.36 12.31 -10.20
CA PHE A 499 30.73 11.56 -8.99
C PHE A 499 29.54 10.80 -8.44
N LEU A 500 28.37 11.44 -8.40
CA LEU A 500 27.19 10.74 -7.93
C LEU A 500 26.71 9.67 -8.90
N VAL A 501 26.98 9.82 -10.21
CA VAL A 501 26.63 8.80 -11.20
C VAL A 501 27.45 7.53 -10.95
N LEU A 502 28.76 7.68 -10.79
CA LEU A 502 29.61 6.51 -10.57
C LEU A 502 29.32 5.86 -9.22
N CYS A 503 29.05 6.69 -8.20
CA CYS A 503 28.65 6.15 -6.90
C CYS A 503 27.32 5.41 -6.98
N ASN A 504 26.39 5.89 -7.81
CA ASN A 504 25.12 5.21 -7.93
C ASN A 504 25.24 3.92 -8.73
N ILE A 505 26.19 3.85 -9.66
CA ILE A 505 26.41 2.59 -10.40
C ILE A 505 26.96 1.51 -9.47
N ILE A 506 27.97 1.86 -8.67
CA ILE A 506 28.52 0.86 -7.76
C ILE A 506 27.53 0.56 -6.63
N LEU A 507 26.69 1.52 -6.26
CA LEU A 507 25.63 1.25 -5.29
C LEU A 507 24.40 0.62 -5.91
N TRP A 508 24.38 0.44 -7.23
CA TRP A 508 23.36 -0.30 -7.95
C TRP A 508 23.74 -1.77 -8.07
N ILE A 509 25.01 -2.06 -8.35
CA ILE A 509 25.44 -3.45 -8.53
C ILE A 509 25.48 -4.19 -7.20
N MET A 510 25.68 -3.49 -6.08
CA MET A 510 25.89 -4.16 -4.80
C MET A 510 24.64 -4.80 -4.19
N PRO A 511 23.45 -4.10 -4.02
CA PRO A 511 22.33 -4.71 -3.29
C PRO A 511 21.39 -5.54 -4.15
N THR A 512 21.95 -6.42 -4.99
CA THR A 512 21.10 -7.28 -5.81
C THR A 512 21.63 -8.69 -5.88
N PHE A 513 22.45 -9.10 -4.92
CA PHE A 513 23.18 -10.35 -4.99
C PHE A 513 22.92 -11.21 -3.77
N GLY A 514 21.65 -11.36 -3.42
CA GLY A 514 21.27 -12.47 -2.57
C GLY A 514 21.56 -12.30 -1.10
N ALA A 515 22.60 -12.96 -0.61
CA ALA A 515 22.91 -12.98 0.81
C ALA A 515 23.46 -11.64 1.29
N HIS A 516 22.59 -10.63 1.33
CA HIS A 516 22.92 -9.28 1.70
C HIS A 516 23.12 -9.17 3.20
N PRO A 517 24.02 -8.29 3.67
CA PRO A 517 24.22 -8.13 5.11
C PRO A 517 23.08 -7.47 5.86
N VAL A 518 22.12 -6.83 5.20
CA VAL A 518 20.92 -6.43 5.92
C VAL A 518 19.97 -7.60 6.13
N PHE A 519 20.19 -8.71 5.44
CA PHE A 519 19.53 -9.97 5.72
C PHE A 519 20.35 -10.87 6.62
N GLU A 520 21.67 -10.86 6.48
CA GLU A 520 22.52 -11.88 7.08
C GLU A 520 23.05 -11.50 8.45
N ASN A 521 22.33 -10.69 9.21
CA ASN A 521 22.61 -10.48 10.62
C ASN A 521 21.51 -11.11 11.45
N GLY A 522 21.87 -11.57 12.64
CA GLY A 522 20.88 -12.04 13.59
C GLY A 522 20.37 -10.91 14.47
N LEU A 523 20.08 -9.77 13.86
CA LEU A 523 19.62 -8.59 14.56
C LEU A 523 18.20 -8.19 14.16
N GLN A 524 17.94 -8.04 12.86
CA GLN A 524 16.57 -7.80 12.42
C GLN A 524 15.81 -9.11 12.30
N LYS A 525 16.46 -10.15 11.79
CA LYS A 525 16.01 -11.50 12.06
C LYS A 525 16.13 -11.76 13.56
N SER A 526 15.20 -12.55 14.09
CA SER A 526 14.94 -12.77 15.52
C SER A 526 14.56 -11.48 16.25
N PHE A 527 14.20 -10.44 15.51
CA PHE A 527 13.41 -9.32 16.00
C PHE A 527 12.05 -9.31 15.33
N TYR A 528 12.00 -9.20 14.02
CA TYR A 528 10.76 -9.32 13.28
C TYR A 528 10.45 -10.77 12.90
N GLY A 529 11.49 -11.59 12.75
CA GLY A 529 11.27 -12.97 12.35
C GLY A 529 11.68 -13.18 10.92
N TYR A 530 11.89 -14.44 10.52
CA TYR A 530 12.46 -14.73 9.21
C TYR A 530 11.50 -14.35 8.08
N SER A 531 10.23 -14.76 8.18
CA SER A 531 9.30 -14.54 7.07
C SER A 531 8.95 -13.06 6.93
N THR A 532 8.75 -12.37 8.07
CA THR A 532 8.46 -10.94 8.05
C THR A 532 9.64 -10.15 7.51
N TRP A 533 10.85 -10.44 7.99
CA TRP A 533 12.00 -9.70 7.52
C TRP A 533 12.37 -10.07 6.09
N PHE A 534 12.06 -11.29 5.66
CA PHE A 534 12.23 -11.67 4.27
C PHE A 534 11.31 -10.87 3.37
N ALA A 535 10.05 -10.70 3.78
CA ALA A 535 9.12 -9.88 3.02
C ALA A 535 9.56 -8.43 2.97
N ILE A 536 10.09 -7.92 4.09
CA ILE A 536 10.55 -6.52 4.13
C ILE A 536 11.76 -6.32 3.23
N VAL A 537 12.73 -7.24 3.28
CA VAL A 537 13.96 -7.12 2.50
C VAL A 537 13.68 -7.29 1.01
N ASN A 538 12.86 -8.29 0.65
CA ASN A 538 12.54 -8.45 -0.76
C ASN A 538 11.55 -7.42 -1.29
N PHE A 539 10.87 -6.70 -0.41
CA PHE A 539 10.11 -5.54 -0.85
C PHE A 539 11.02 -4.34 -1.06
N GLY A 540 11.99 -4.16 -0.18
CA GLY A 540 12.79 -2.96 -0.16
C GLY A 540 13.98 -2.95 -1.11
N LEU A 541 14.77 -4.02 -1.10
CA LEU A 541 16.03 -4.03 -1.84
C LEU A 541 15.89 -4.00 -3.37
N PRO A 542 14.93 -4.71 -4.01
CA PRO A 542 14.69 -4.42 -5.43
C PRO A 542 14.20 -3.02 -5.70
N LEU A 543 13.48 -2.41 -4.76
CA LEU A 543 13.08 -1.02 -4.94
C LEU A 543 14.27 -0.10 -4.79
N SER A 544 15.28 -0.47 -4.00
CA SER A 544 16.49 0.35 -3.93
C SER A 544 17.31 0.21 -5.21
N VAL A 545 17.34 -1.00 -5.79
CA VAL A 545 18.00 -1.20 -7.08
C VAL A 545 17.31 -0.38 -8.16
N PHE A 546 15.97 -0.35 -8.14
CA PHE A 546 15.21 0.48 -9.06
C PHE A 546 15.49 1.96 -8.86
N TYR A 547 15.63 2.38 -7.60
CA TYR A 547 15.95 3.77 -7.31
C TYR A 547 17.33 4.14 -7.82
N ARG A 548 18.30 3.23 -7.67
CA ARG A 548 19.65 3.49 -8.15
C ARG A 548 19.69 3.60 -9.66
N MET A 549 18.93 2.74 -10.36
CA MET A 549 18.84 2.81 -11.82
C MET A 549 18.20 4.11 -12.29
N HIS A 550 17.06 4.45 -11.70
CA HIS A 550 16.31 5.63 -12.09
C HIS A 550 17.07 6.91 -11.75
N SER A 551 17.86 6.88 -10.67
CA SER A 551 18.67 8.03 -10.30
C SER A 551 19.95 8.11 -11.13
N VAL A 552 20.47 6.99 -11.63
CA VAL A 552 21.54 7.03 -12.64
C VAL A 552 21.05 7.75 -13.88
N GLY A 553 19.84 7.43 -14.32
CA GLY A 553 19.26 8.13 -15.46
C GLY A 553 19.02 9.61 -15.21
N GLY A 554 18.49 9.95 -14.04
CA GLY A 554 18.24 11.35 -13.72
C GLY A 554 19.51 12.16 -13.57
N LEU A 555 20.53 11.60 -12.93
CA LEU A 555 21.79 12.30 -12.77
C LEU A 555 22.58 12.35 -14.06
N LEU A 556 22.36 11.42 -14.99
CA LEU A 556 22.95 11.57 -16.30
C LEU A 556 22.23 12.64 -17.11
N GLU A 557 20.95 12.87 -16.86
CA GLU A 557 20.28 14.02 -17.45
C GLU A 557 20.79 15.33 -16.84
N VAL A 558 21.08 15.32 -15.54
CA VAL A 558 21.64 16.49 -14.87
C VAL A 558 23.05 16.78 -15.39
N TYR A 559 23.82 15.72 -15.71
CA TYR A 559 25.20 15.89 -16.14
C TYR A 559 25.32 16.58 -17.50
N VAL A 560 24.30 16.46 -18.35
CA VAL A 560 24.37 17.06 -19.68
C VAL A 560 23.39 18.22 -19.67
N SER A 561 23.16 18.78 -18.49
CA SER A 561 22.33 19.97 -18.35
C SER A 561 23.17 21.17 -17.94
N ALA B 50 8.53 27.26 -5.95
CA ALA B 50 8.58 28.03 -4.70
C ALA B 50 7.65 27.41 -3.67
N GLN B 51 6.41 27.14 -4.10
CA GLN B 51 5.43 26.51 -3.21
C GLN B 51 5.63 25.01 -3.15
N LYS B 52 5.89 24.38 -4.30
CA LYS B 52 6.05 22.94 -4.39
C LYS B 52 7.28 22.44 -3.66
N SER B 53 8.31 23.28 -3.51
CA SER B 53 9.52 22.88 -2.78
C SER B 53 9.23 22.72 -1.29
N GLY B 54 8.60 23.73 -0.68
CA GLY B 54 8.21 23.61 0.71
C GLY B 54 7.13 22.56 0.92
N GLN B 55 6.28 22.37 -0.09
CA GLN B 55 5.34 21.26 -0.09
C GLN B 55 6.06 19.92 -0.02
N LEU B 56 7.14 19.78 -0.78
CA LEU B 56 7.97 18.57 -0.73
C LEU B 56 8.63 18.41 0.63
N PHE B 57 9.09 19.51 1.23
CA PHE B 57 9.80 19.44 2.51
C PHE B 57 8.85 19.04 3.64
N SER B 58 7.64 19.59 3.63
CA SER B 58 6.60 19.15 4.56
C SER B 58 6.24 17.70 4.33
N GLY B 59 6.26 17.25 3.08
CA GLY B 59 6.06 15.84 2.79
C GLY B 59 7.16 14.95 3.33
N LEU B 60 8.40 15.44 3.32
CA LEU B 60 9.50 14.67 3.91
C LEU B 60 9.35 14.54 5.41
N LEU B 61 8.96 15.64 6.08
CA LEU B 61 8.64 15.58 7.51
C LEU B 61 7.52 14.58 7.79
N ALA B 62 6.46 14.62 6.96
CA ALA B 62 5.33 13.73 7.16
C ALA B 62 5.71 12.27 6.92
N LEU B 63 6.51 12.00 5.88
CA LEU B 63 6.86 10.61 5.61
C LEU B 63 7.83 10.06 6.64
N ASN B 64 8.69 10.91 7.19
CA ASN B 64 9.58 10.44 8.25
C ASN B 64 8.81 10.12 9.52
N VAL B 65 7.84 10.97 9.89
CA VAL B 65 7.03 10.69 11.08
C VAL B 65 6.16 9.45 10.85
N VAL B 66 5.58 9.32 9.64
CA VAL B 66 4.72 8.17 9.32
C VAL B 66 5.53 6.87 9.35
N PHE B 67 6.72 6.86 8.76
CA PHE B 67 7.48 5.62 8.71
C PHE B 67 8.10 5.26 10.04
N LEU B 68 8.46 6.28 10.85
CA LEU B 68 8.94 6.00 12.20
C LEU B 68 7.83 5.42 13.08
N GLY B 69 6.65 6.04 13.05
CA GLY B 69 5.55 5.51 13.84
C GLY B 69 5.04 4.18 13.32
N SER B 70 5.09 3.97 11.99
CA SER B 70 4.71 2.68 11.43
C SER B 70 5.70 1.60 11.80
N ALA B 71 6.98 1.96 11.95
CA ALA B 71 7.95 1.00 12.45
C ALA B 71 7.68 0.66 13.92
N PHE B 72 7.26 1.65 14.71
CA PHE B 72 6.88 1.37 16.11
C PHE B 72 5.64 0.47 16.20
N ILE B 73 4.60 0.77 15.41
CA ILE B 73 3.37 -0.01 15.46
C ILE B 73 3.61 -1.42 14.93
N SER B 74 4.40 -1.54 13.85
CA SER B 74 4.72 -2.86 13.32
C SER B 74 5.62 -3.64 14.25
N SER B 75 6.51 -2.97 14.98
CA SER B 75 7.26 -3.69 16.01
C SER B 75 6.37 -4.10 17.16
N MET B 76 5.29 -3.36 17.42
CA MET B 76 4.32 -3.81 18.40
C MET B 76 3.56 -5.04 17.92
N ILE B 77 3.27 -5.12 16.62
CA ILE B 77 2.63 -6.31 16.06
C ILE B 77 3.57 -7.50 16.09
N PHE B 78 4.77 -7.32 15.53
CA PHE B 78 5.66 -8.45 15.30
C PHE B 78 6.45 -8.80 16.55
N ASN B 79 7.24 -7.87 17.07
CA ASN B 79 8.07 -8.14 18.25
C ASN B 79 7.40 -7.56 19.50
N HIS B 80 6.40 -8.28 19.99
CA HIS B 80 5.56 -7.79 21.08
C HIS B 80 6.30 -7.71 22.41
N VAL B 81 7.43 -8.39 22.56
CA VAL B 81 8.10 -8.43 23.86
C VAL B 81 8.98 -7.20 24.05
N ALA B 82 9.34 -6.51 22.96
CA ALA B 82 10.26 -5.40 23.09
C ALA B 82 9.54 -4.06 23.13
N ILE B 83 8.67 -3.81 22.15
CA ILE B 83 7.91 -2.57 22.08
C ILE B 83 6.53 -2.82 22.66
N THR B 84 6.18 -2.05 23.68
CA THR B 84 4.93 -2.17 24.41
C THR B 84 3.96 -1.12 23.88
N LEU B 85 2.65 -1.40 23.98
CA LEU B 85 1.62 -0.46 23.55
C LEU B 85 1.68 0.86 24.32
N ALA B 86 2.20 0.85 25.56
CA ALA B 86 2.41 2.09 26.29
C ALA B 86 3.45 2.98 25.61
N ASP B 87 4.44 2.39 24.94
CA ASP B 87 5.43 3.19 24.23
C ASP B 87 4.83 3.81 22.96
N VAL B 88 3.93 3.07 22.30
CA VAL B 88 3.21 3.64 21.16
C VAL B 88 2.28 4.75 21.62
N TRP B 89 1.70 4.59 22.82
CA TRP B 89 0.86 5.65 23.38
C TRP B 89 1.67 6.86 23.78
N ILE B 90 2.91 6.67 24.24
CA ILE B 90 3.79 7.78 24.56
C ILE B 90 4.17 8.54 23.30
N LEU B 91 4.51 7.81 22.23
CA LEU B 91 4.87 8.45 20.96
C LEU B 91 3.68 9.20 20.38
N LEU B 92 2.51 8.58 20.37
CA LEU B 92 1.32 9.24 19.85
C LEU B 92 0.84 10.36 20.76
N SER B 93 1.16 10.30 22.07
CA SER B 93 0.79 11.40 22.96
C SER B 93 1.68 12.61 22.72
N ILE B 94 2.99 12.38 22.54
CA ILE B 94 3.92 13.47 22.20
C ILE B 94 3.51 14.11 20.88
N LEU B 95 3.15 13.28 19.91
CA LEU B 95 2.75 13.76 18.59
C LEU B 95 1.42 14.50 18.66
N LYS B 96 0.48 14.00 19.46
CA LYS B 96 -0.81 14.64 19.63
C LYS B 96 -0.68 15.98 20.33
N VAL B 97 0.17 16.07 21.35
CA VAL B 97 0.40 17.32 22.05
C VAL B 97 1.07 18.35 21.14
N LEU B 98 1.96 17.89 20.26
CA LEU B 98 2.56 18.81 19.29
C LEU B 98 1.52 19.34 18.30
N CYS B 99 0.60 18.47 17.85
CA CYS B 99 -0.50 18.98 17.03
C CYS B 99 -1.42 19.90 17.81
N LEU B 100 -1.63 19.65 19.11
CA LEU B 100 -2.46 20.53 19.92
C LEU B 100 -1.85 21.91 20.04
N CYS B 101 -0.54 21.98 20.32
CA CYS B 101 0.15 23.27 20.38
C CYS B 101 0.10 23.98 19.05
N TRP B 102 0.22 23.23 17.93
CA TRP B 102 0.17 23.92 16.65
C TRP B 102 -1.22 24.44 16.32
N ILE B 103 -2.27 23.64 16.54
CA ILE B 103 -3.60 24.12 16.17
C ILE B 103 -4.08 25.18 17.16
N ILE B 104 -3.60 25.15 18.40
CA ILE B 104 -3.95 26.20 19.35
C ILE B 104 -3.25 27.49 18.97
N TYR B 105 -1.97 27.41 18.57
CA TYR B 105 -1.28 28.59 18.05
C TYR B 105 -1.93 29.09 16.76
N TYR B 106 -2.48 28.18 15.96
CA TYR B 106 -3.20 28.58 14.75
C TYR B 106 -4.45 29.37 15.11
N LEU B 107 -5.32 28.80 15.95
CA LEU B 107 -6.58 29.41 16.33
C LEU B 107 -6.39 30.70 17.12
N LEU B 108 -5.25 30.86 17.79
CA LEU B 108 -5.06 32.04 18.63
C LEU B 108 -4.18 33.12 18.01
N GLY B 109 -3.26 32.78 17.11
CA GLY B 109 -2.37 33.79 16.60
C GLY B 109 -2.03 33.69 15.13
N THR B 110 -2.60 32.72 14.41
CA THR B 110 -2.40 32.67 12.96
C THR B 110 -3.63 33.10 12.20
N SER B 111 -4.82 32.83 12.75
CA SER B 111 -6.09 33.10 12.09
C SER B 111 -6.52 34.57 12.20
N ARG B 112 -5.66 35.46 12.68
CA ARG B 112 -6.02 36.85 12.93
C ARG B 112 -5.39 37.82 11.96
N GLN B 113 -4.23 37.50 11.41
CA GLN B 113 -3.62 38.29 10.36
C GLN B 113 -4.38 38.07 9.05
N PRO B 114 -4.26 39.00 8.06
CA PRO B 114 -4.99 38.82 6.80
C PRO B 114 -4.60 37.59 5.99
N HIS B 115 -5.56 36.69 5.82
CA HIS B 115 -5.45 35.51 4.99
C HIS B 115 -6.06 35.78 3.62
N ALA B 116 -6.24 34.74 2.80
CA ALA B 116 -6.93 34.90 1.54
C ALA B 116 -8.43 34.87 1.73
N VAL B 117 -9.13 35.62 0.90
CA VAL B 117 -10.58 35.63 0.91
C VAL B 117 -11.10 34.50 0.02
N ALA B 125 -20.18 18.92 -0.98
CA ALA B 125 -19.05 19.09 -0.07
C ALA B 125 -19.33 19.77 1.30
N PRO B 126 -19.86 21.01 1.36
CA PRO B 126 -19.78 21.73 2.64
C PRO B 126 -20.86 21.35 3.64
N VAL B 127 -21.70 20.35 3.36
CA VAL B 127 -22.86 20.06 4.20
C VAL B 127 -22.79 18.65 4.78
N TRP B 128 -22.09 17.73 4.11
CA TRP B 128 -22.12 16.35 4.60
C TRP B 128 -20.80 15.91 5.19
N ILE B 129 -19.66 16.41 4.68
CA ILE B 129 -18.37 16.11 5.30
C ILE B 129 -18.30 16.73 6.69
N ARG B 130 -18.78 17.97 6.83
CA ARG B 130 -18.82 18.63 8.13
C ARG B 130 -19.76 17.93 9.10
N GLY B 131 -20.92 17.50 8.61
CA GLY B 131 -21.89 16.84 9.49
C GLY B 131 -21.41 15.48 9.94
N SER B 132 -20.89 14.69 9.01
CA SER B 132 -20.27 13.41 9.38
C SER B 132 -19.04 13.62 10.25
N LEU B 133 -18.33 14.73 10.08
CA LEU B 133 -17.17 15.02 10.90
C LEU B 133 -17.57 15.26 12.35
N LEU B 134 -18.62 16.06 12.56
CA LEU B 134 -19.11 16.30 13.91
C LEU B 134 -19.75 15.03 14.50
N LEU B 135 -20.41 14.23 13.65
CA LEU B 135 -21.04 13.00 14.12
C LEU B 135 -20.01 11.99 14.59
N PHE B 136 -19.02 11.71 13.75
CA PHE B 136 -17.98 10.75 14.11
C PHE B 136 -17.07 11.30 15.20
N GLY B 137 -16.93 12.63 15.29
CA GLY B 137 -16.19 13.22 16.39
C GLY B 137 -16.89 13.05 17.72
N THR B 138 -18.21 13.27 17.74
CA THR B 138 -18.99 13.06 18.95
C THR B 138 -18.99 11.61 19.38
N PHE B 139 -19.13 10.69 18.42
CA PHE B 139 -19.14 9.28 18.79
C PHE B 139 -17.75 8.76 19.15
N SER B 140 -16.67 9.37 18.65
CA SER B 140 -15.35 8.96 19.11
C SER B 140 -14.99 9.54 20.47
N ILE B 141 -15.48 10.76 20.78
CA ILE B 141 -15.38 11.28 22.15
C ILE B 141 -16.13 10.37 23.11
N LEU B 142 -17.33 9.94 22.72
CA LEU B 142 -18.09 8.99 23.53
C LEU B 142 -17.39 7.64 23.61
N LEU B 143 -16.72 7.21 22.55
CA LEU B 143 -15.97 5.95 22.58
C LEU B 143 -14.81 6.01 23.56
N ASN B 144 -14.10 7.14 23.59
CA ASN B 144 -13.00 7.27 24.54
C ASN B 144 -13.50 7.43 25.97
N VAL B 145 -14.68 8.02 26.16
CA VAL B 145 -15.31 8.04 27.48
C VAL B 145 -15.67 6.63 27.92
N PHE B 146 -16.19 5.82 26.99
CA PHE B 146 -16.47 4.41 27.26
C PHE B 146 -15.20 3.64 27.60
N GLN B 147 -14.09 3.98 26.93
CA GLN B 147 -12.81 3.32 27.20
C GLN B 147 -12.27 3.70 28.58
N ILE B 148 -12.43 4.97 28.96
CA ILE B 148 -12.02 5.43 30.29
C ILE B 148 -12.84 4.73 31.36
N GLY B 149 -14.16 4.65 31.18
CA GLY B 149 -15.01 3.97 32.15
C GLY B 149 -14.76 2.46 32.20
N TYR B 150 -14.36 1.87 31.09
CA TYR B 150 -13.90 0.49 31.10
C TYR B 150 -12.57 0.35 31.83
N SER B 151 -11.76 1.41 31.84
CA SER B 151 -10.44 1.34 32.46
C SER B 151 -10.54 1.51 33.98
N VAL B 152 -11.46 2.35 34.45
CA VAL B 152 -11.41 2.79 35.85
C VAL B 152 -12.32 1.99 36.77
N ILE B 153 -13.39 1.38 36.26
CA ILE B 153 -14.43 0.82 37.12
C ILE B 153 -14.24 -0.67 37.36
N GLN B 154 -14.12 -1.47 36.29
CA GLN B 154 -13.95 -2.91 36.47
C GLN B 154 -12.58 -3.25 37.00
N ILE B 155 -11.54 -2.96 36.23
CA ILE B 155 -10.17 -3.31 36.60
C ILE B 155 -9.63 -2.12 37.37
N ASN B 156 -9.81 -2.15 38.69
CA ASN B 156 -9.33 -1.09 39.55
C ASN B 156 -7.88 -1.27 39.97
N CYS B 157 -7.32 -2.47 39.75
CA CYS B 157 -5.94 -2.77 40.12
C CYS B 157 -5.04 -2.33 38.97
N LYS B 158 -4.93 -1.01 38.80
CA LYS B 158 -4.11 -0.41 37.76
C LYS B 158 -3.38 0.79 38.35
N SER B 159 -2.47 1.35 37.56
CA SER B 159 -1.86 2.63 37.88
C SER B 159 -2.63 3.72 37.14
N LYS B 160 -2.07 4.93 37.11
CA LYS B 160 -2.70 6.07 36.45
C LYS B 160 -2.21 6.25 35.02
N VAL B 161 -1.87 5.17 34.32
CA VAL B 161 -1.27 5.28 33.00
C VAL B 161 -2.34 5.30 31.91
N GLU B 162 -3.32 4.39 31.99
CA GLU B 162 -4.29 4.22 30.91
C GLU B 162 -5.45 5.18 30.97
N ILE B 163 -5.35 6.26 31.73
CA ILE B 163 -6.39 7.27 31.81
C ILE B 163 -5.96 8.55 31.12
N VAL B 164 -4.66 8.87 31.19
CA VAL B 164 -4.15 10.10 30.62
C VAL B 164 -4.13 10.04 29.10
N PHE B 165 -3.72 8.91 28.51
CA PHE B 165 -3.63 8.77 27.06
C PHE B 165 -4.99 8.82 26.35
N PRO B 166 -6.10 8.27 26.90
CA PRO B 166 -7.39 8.61 26.30
C PRO B 166 -7.86 10.03 26.61
N SER B 167 -7.31 10.70 27.63
CA SER B 167 -7.75 12.06 27.91
C SER B 167 -7.18 13.05 26.90
N ILE B 168 -5.91 12.87 26.53
CA ILE B 168 -5.33 13.65 25.44
C ILE B 168 -6.01 13.29 24.13
N GLU B 169 -6.47 12.04 24.01
CA GLU B 169 -7.23 11.63 22.83
C GLU B 169 -8.57 12.37 22.75
N ILE B 170 -9.26 12.51 23.90
CA ILE B 170 -10.52 13.24 23.94
C ILE B 170 -10.31 14.69 23.57
N LEU B 171 -9.27 15.32 24.14
CA LEU B 171 -8.95 16.70 23.84
C LEU B 171 -8.59 16.89 22.37
N PHE B 172 -7.85 15.93 21.81
CA PHE B 172 -7.42 15.98 20.42
C PHE B 172 -8.57 15.78 19.45
N VAL B 173 -9.50 14.87 19.73
CA VAL B 173 -10.71 14.75 18.91
C VAL B 173 -11.56 16.00 19.00
N ALA B 174 -11.64 16.61 20.18
CA ALA B 174 -12.49 17.79 20.38
C ALA B 174 -11.98 19.01 19.60
N THR B 175 -10.73 19.41 19.83
CA THR B 175 -10.29 20.65 19.20
C THR B 175 -9.94 20.48 17.73
N GLN B 176 -9.64 19.27 17.26
CA GLN B 176 -9.47 19.07 15.83
C GLN B 176 -10.81 19.16 15.10
N ALA B 177 -11.88 18.67 15.75
CA ALA B 177 -13.21 18.82 15.18
C ALA B 177 -13.63 20.28 15.15
N PHE B 178 -13.35 21.02 16.22
CA PHE B 178 -13.66 22.45 16.25
C PHE B 178 -12.82 23.23 15.24
N PHE B 179 -11.57 22.81 15.04
CA PHE B 179 -10.68 23.50 14.12
C PHE B 179 -11.03 23.20 12.67
N LEU B 180 -11.43 21.97 12.36
CA LEU B 180 -11.84 21.60 11.02
C LEU B 180 -13.25 22.02 10.68
N TRP B 181 -14.07 22.38 11.68
CA TRP B 181 -15.41 22.88 11.39
C TRP B 181 -15.35 24.24 10.71
N HIS B 182 -14.62 25.18 11.30
CA HIS B 182 -14.60 26.53 10.76
C HIS B 182 -13.52 26.72 9.69
N HIS B 183 -12.29 26.29 9.97
CA HIS B 183 -11.16 26.53 9.08
C HIS B 183 -10.94 25.30 8.21
N SER B 184 -11.76 25.19 7.16
CA SER B 184 -11.56 24.16 6.16
C SER B 184 -11.22 24.79 4.82
N LYS B 185 -12.07 25.68 4.33
CA LYS B 185 -11.83 26.35 3.04
C LYS B 185 -11.35 27.78 3.28
N ASP B 186 -10.11 27.90 3.74
CA ASP B 186 -9.49 29.20 3.92
C ASP B 186 -8.00 29.10 3.61
N CYS B 187 -7.62 29.65 2.46
CA CYS B 187 -6.25 29.56 1.97
C CYS B 187 -5.32 30.42 2.82
N ILE B 188 -4.44 29.74 3.56
CA ILE B 188 -3.54 30.38 4.51
C ILE B 188 -2.48 31.14 3.74
N GLN B 189 -2.17 32.35 4.20
CA GLN B 189 -1.29 33.24 3.44
C GLN B 189 -0.12 33.79 4.23
N VAL B 190 -0.16 33.71 5.57
CA VAL B 190 0.83 34.45 6.35
C VAL B 190 2.02 33.56 6.71
N GLN B 191 1.75 32.36 7.22
CA GLN B 191 2.82 31.47 7.66
C GLN B 191 2.67 30.17 6.88
N HIS B 192 3.25 30.13 5.67
CA HIS B 192 3.04 29.01 4.75
C HIS B 192 3.76 27.77 5.23
N ASN B 193 5.07 27.86 5.42
CA ASN B 193 5.87 26.68 5.72
C ASN B 193 5.61 26.16 7.12
N LEU B 194 5.16 27.01 8.03
CA LEU B 194 4.80 26.50 9.35
C LEU B 194 3.46 25.77 9.30
N THR B 195 2.51 26.29 8.52
CA THR B 195 1.22 25.64 8.38
C THR B 195 1.33 24.30 7.67
N ARG B 196 2.20 24.19 6.67
CA ARG B 196 2.33 22.92 5.94
C ARG B 196 2.95 21.85 6.82
N CYS B 197 3.97 22.20 7.59
CA CYS B 197 4.54 21.26 8.55
C CYS B 197 3.56 20.90 9.66
N GLY B 198 2.72 21.85 10.08
CA GLY B 198 1.73 21.54 11.09
C GLY B 198 0.65 20.61 10.58
N LEU B 199 0.14 20.88 9.38
CA LEU B 199 -0.91 20.04 8.79
C LEU B 199 -0.39 18.67 8.44
N MET B 200 0.88 18.58 7.99
CA MET B 200 1.45 17.28 7.68
C MET B 200 1.79 16.49 8.93
N LEU B 201 2.16 17.18 10.02
CA LEU B 201 2.28 16.49 11.31
C LEU B 201 0.94 15.97 11.77
N THR B 202 -0.12 16.75 11.55
CA THR B 202 -1.46 16.30 11.96
C THR B 202 -1.94 15.13 11.12
N ILE B 203 -1.64 15.15 9.82
CA ILE B 203 -1.98 14.02 8.94
C ILE B 203 -1.18 12.78 9.31
N ALA B 204 0.09 12.96 9.66
CA ALA B 204 0.90 11.84 10.12
C ALA B 204 0.36 11.24 11.41
N THR B 205 -0.12 12.08 12.33
CA THR B 205 -0.69 11.56 13.57
C THR B 205 -2.02 10.87 13.32
N ASN B 206 -2.83 11.39 12.40
CA ASN B 206 -4.09 10.74 12.08
C ASN B 206 -3.87 9.42 11.38
N LEU B 207 -2.85 9.32 10.53
CA LEU B 207 -2.55 8.07 9.85
C LEU B 207 -1.99 7.05 10.83
N LEU B 208 -1.18 7.50 11.80
CA LEU B 208 -0.68 6.56 12.80
C LEU B 208 -1.79 6.11 13.75
N LEU B 209 -2.74 7.01 14.04
CA LEU B 209 -3.88 6.63 14.86
C LEU B 209 -4.80 5.67 14.12
N TRP B 210 -4.99 5.88 12.81
CA TRP B 210 -5.77 4.97 12.01
C TRP B 210 -5.09 3.61 11.90
N LEU B 211 -3.77 3.59 11.76
CA LEU B 211 -3.04 2.34 11.68
C LEU B 211 -3.08 1.57 13.00
N LEU B 212 -3.00 2.29 14.13
CA LEU B 212 -3.16 1.65 15.43
C LEU B 212 -4.59 1.15 15.62
N ALA B 213 -5.58 1.88 15.10
CA ALA B 213 -6.97 1.44 15.21
C ALA B 213 -7.22 0.20 14.35
N VAL B 214 -6.56 0.12 13.21
CA VAL B 214 -6.69 -1.04 12.34
C VAL B 214 -6.05 -2.26 12.98
N THR B 215 -4.80 -2.13 13.40
CA THR B 215 -4.04 -3.29 13.87
C THR B 215 -4.08 -3.47 15.38
N ASN B 216 -4.96 -2.78 16.10
CA ASN B 216 -5.01 -2.87 17.56
C ASN B 216 -6.06 -3.91 17.94
N ASP B 217 -5.63 -5.16 18.04
CA ASP B 217 -6.48 -6.28 18.44
C ASP B 217 -6.54 -6.45 19.96
N SER B 218 -5.95 -5.52 20.72
CA SER B 218 -5.59 -5.79 22.10
C SER B 218 -6.81 -5.87 23.00
N ILE B 219 -7.68 -4.86 22.97
CA ILE B 219 -8.86 -4.89 23.82
C ILE B 219 -9.91 -5.82 23.23
N HIS B 220 -10.00 -5.89 21.89
CA HIS B 220 -11.02 -6.69 21.22
C HIS B 220 -10.87 -8.18 21.48
N MET B 221 -9.65 -8.64 21.73
CA MET B 221 -9.47 -10.01 22.21
C MET B 221 -9.51 -10.08 23.73
N GLU B 222 -9.26 -8.96 24.41
CA GLU B 222 -9.36 -8.94 25.87
C GLU B 222 -10.82 -9.00 26.31
N ILE B 223 -11.71 -8.33 25.58
CA ILE B 223 -13.14 -8.37 25.91
C ILE B 223 -13.70 -9.76 25.73
N GLU B 224 -13.33 -10.42 24.64
CA GLU B 224 -13.84 -11.76 24.35
C GLU B 224 -13.12 -12.85 25.13
N SER B 225 -12.17 -12.51 26.02
CA SER B 225 -11.64 -13.50 26.93
C SER B 225 -12.56 -13.71 28.12
N GLN B 226 -13.09 -12.63 28.68
CA GLN B 226 -14.06 -12.73 29.76
C GLN B 226 -15.40 -13.26 29.29
N LEU B 227 -15.72 -13.11 28.01
CA LEU B 227 -17.01 -13.60 27.50
C LEU B 227 -17.00 -15.11 27.32
N ARG B 228 -15.85 -15.75 27.41
CA ARG B 228 -15.81 -17.20 27.43
C ARG B 228 -16.24 -17.72 28.81
N THR B 247 -20.66 -6.48 35.58
CA THR B 247 -21.88 -7.05 35.04
C THR B 247 -23.00 -6.01 35.03
N THR B 248 -22.88 -5.04 35.93
CA THR B 248 -23.91 -3.99 36.03
C THR B 248 -23.67 -2.88 35.02
N THR B 249 -22.44 -2.35 34.98
CA THR B 249 -22.09 -1.28 34.05
C THR B 249 -20.88 -1.60 33.18
N CYS B 250 -20.06 -2.59 33.54
CA CYS B 250 -18.94 -2.94 32.71
C CYS B 250 -19.37 -3.64 31.43
N LYS B 251 -20.49 -4.37 31.48
CA LYS B 251 -21.08 -4.92 30.26
C LYS B 251 -21.58 -3.81 29.35
N VAL B 252 -22.15 -2.74 29.94
CA VAL B 252 -22.54 -1.56 29.17
C VAL B 252 -21.33 -0.93 28.51
N PHE B 253 -20.22 -0.85 29.25
CA PHE B 253 -19.02 -0.20 28.71
C PHE B 253 -18.38 -1.03 27.60
N GLN B 254 -18.34 -2.35 27.76
CA GLN B 254 -17.79 -3.22 26.72
C GLN B 254 -18.66 -3.22 25.47
N LYS B 255 -19.99 -3.28 25.66
CA LYS B 255 -20.94 -3.21 24.55
C LYS B 255 -20.78 -1.92 23.77
N GLY B 256 -20.71 -0.78 24.48
CA GLY B 256 -20.54 0.49 23.82
C GLY B 256 -19.20 0.64 23.13
N TYR B 257 -18.14 0.08 23.72
CA TYR B 257 -16.82 0.17 23.09
C TYR B 257 -16.77 -0.61 21.79
N ILE B 258 -17.26 -1.85 21.80
CA ILE B 258 -17.26 -2.66 20.58
C ILE B 258 -18.21 -2.07 19.54
N LEU B 259 -19.37 -1.56 19.97
CA LEU B 259 -20.32 -0.98 19.05
C LEU B 259 -19.80 0.32 18.43
N LEU B 260 -18.98 1.07 19.15
CA LEU B 260 -18.55 2.38 18.69
C LEU B 260 -17.13 2.40 18.15
N TYR B 261 -16.43 1.27 18.18
CA TYR B 261 -15.06 1.22 17.66
C TYR B 261 -14.84 1.64 16.20
N PRO B 262 -15.73 1.38 15.23
CA PRO B 262 -15.47 1.92 13.87
C PRO B 262 -15.62 3.42 13.74
N PHE B 263 -16.20 4.11 14.73
CA PHE B 263 -16.44 5.53 14.59
C PHE B 263 -15.15 6.33 14.66
N ASN B 264 -14.22 5.93 15.53
CA ASN B 264 -12.92 6.60 15.57
C ASN B 264 -12.08 6.28 14.35
N THR B 265 -12.13 5.01 13.90
CA THR B 265 -11.35 4.59 12.74
C THR B 265 -11.81 5.29 11.47
N GLU B 266 -13.10 5.61 11.37
CA GLU B 266 -13.56 6.36 10.22
C GLU B 266 -13.44 7.86 10.42
N TYR B 267 -13.43 8.33 11.68
CA TYR B 267 -13.14 9.73 11.99
C TYR B 267 -11.73 10.11 11.55
N CYS B 268 -10.78 9.19 11.74
CA CYS B 268 -9.40 9.41 11.31
C CYS B 268 -9.31 9.60 9.81
N LEU B 269 -10.09 8.84 9.04
CA LEU B 269 -10.06 8.96 7.58
C LEU B 269 -10.75 10.24 7.12
N ILE B 270 -11.83 10.64 7.79
CA ILE B 270 -12.49 11.90 7.46
C ILE B 270 -11.55 13.07 7.70
N CYS B 271 -10.88 13.08 8.86
CA CYS B 271 -9.91 14.12 9.17
C CYS B 271 -8.74 14.13 8.20
N CYS B 272 -8.26 12.93 7.80
CA CYS B 272 -7.18 12.84 6.83
C CYS B 272 -7.58 13.43 5.49
N SER B 273 -8.83 13.17 5.06
CA SER B 273 -9.30 13.73 3.80
C SER B 273 -9.41 15.24 3.84
N VAL B 274 -9.99 15.79 4.91
CA VAL B 274 -10.19 17.24 4.93
C VAL B 274 -8.88 17.99 5.19
N LEU B 275 -7.97 17.44 6.01
CA LEU B 275 -6.65 18.06 6.19
C LEU B 275 -5.82 17.96 4.92
N TYR B 276 -5.98 16.86 4.16
CA TYR B 276 -5.29 16.77 2.89
C TYR B 276 -5.80 17.82 1.91
N VAL B 277 -7.11 18.08 1.91
CA VAL B 277 -7.67 19.13 1.06
C VAL B 277 -7.12 20.49 1.46
N MET B 278 -7.07 20.78 2.76
CA MET B 278 -6.66 22.10 3.21
C MET B 278 -5.16 22.28 3.32
N TRP B 279 -4.33 21.26 3.02
CA TRP B 279 -2.96 21.62 2.67
C TRP B 279 -2.66 21.48 1.18
N LYS B 280 -3.48 20.76 0.42
CA LYS B 280 -3.18 20.62 -1.00
C LYS B 280 -3.68 21.81 -1.80
N ASN B 281 -5.00 22.00 -1.87
CA ASN B 281 -5.50 23.07 -2.74
C ASN B 281 -5.52 24.39 -1.99
N VAL B 282 -6.33 24.45 -0.97
CA VAL B 282 -6.14 25.37 0.13
C VAL B 282 -4.77 25.13 0.71
N GLY B 283 -4.04 26.20 1.01
CA GLY B 283 -2.76 26.10 1.69
C GLY B 283 -1.60 26.71 0.94
N ARG B 284 -1.83 27.24 -0.25
CA ARG B 284 -0.78 27.80 -1.08
C ARG B 284 -0.19 29.07 -0.48
N PHE B 305 -41.94 8.32 -7.36
CA PHE B 305 -42.01 6.91 -7.74
C PHE B 305 -40.74 6.19 -7.30
N GLY B 306 -39.61 6.63 -7.84
CA GLY B 306 -38.30 6.18 -7.41
C GLY B 306 -37.99 6.43 -5.95
N PRO B 307 -38.18 7.67 -5.47
CA PRO B 307 -38.07 7.92 -4.02
C PRO B 307 -38.99 7.09 -3.14
N LEU B 308 -40.13 6.61 -3.66
CA LEU B 308 -41.01 5.76 -2.84
C LEU B 308 -40.37 4.41 -2.56
N LEU B 309 -39.86 3.75 -3.60
CA LEU B 309 -39.14 2.49 -3.42
C LEU B 309 -37.84 2.70 -2.66
N GLY B 310 -37.20 3.86 -2.84
CA GLY B 310 -36.01 4.17 -2.06
C GLY B 310 -36.30 4.31 -0.58
N ALA B 311 -37.40 4.99 -0.24
CA ALA B 311 -37.80 5.13 1.16
C ALA B 311 -38.22 3.79 1.75
N ALA B 312 -38.86 2.94 0.95
CA ALA B 312 -39.18 1.59 1.41
C ALA B 312 -37.91 0.79 1.69
N ALA B 313 -36.90 0.96 0.84
CA ALA B 313 -35.60 0.32 1.06
C ALA B 313 -34.95 0.81 2.34
N VAL B 314 -35.05 2.12 2.61
CA VAL B 314 -34.46 2.69 3.82
C VAL B 314 -35.18 2.18 5.07
N ILE B 315 -36.51 2.08 5.03
CA ILE B 315 -37.27 1.61 6.19
C ILE B 315 -37.01 0.13 6.47
N ILE B 316 -37.02 -0.71 5.43
CA ILE B 316 -36.74 -2.12 5.64
C ILE B 316 -35.28 -2.35 6.07
N GLY B 317 -34.36 -1.52 5.58
CA GLY B 317 -32.98 -1.60 6.04
C GLY B 317 -32.82 -1.20 7.49
N ILE B 318 -33.56 -0.18 7.92
CA ILE B 318 -33.57 0.22 9.33
C ILE B 318 -34.16 -0.89 10.20
N CYS B 319 -35.20 -1.57 9.71
CA CYS B 319 -35.80 -2.66 10.47
C CYS B 319 -34.85 -3.84 10.64
N VAL B 320 -34.19 -4.27 9.54
CA VAL B 320 -33.27 -5.41 9.69
C VAL B 320 -32.03 -5.01 10.47
N PHE B 321 -31.60 -3.74 10.37
CA PHE B 321 -30.45 -3.28 11.12
C PHE B 321 -30.74 -3.19 12.61
N MET B 322 -31.91 -2.68 12.99
CA MET B 322 -32.26 -2.62 14.40
C MET B 322 -32.53 -4.00 14.96
N MET B 323 -33.08 -4.92 14.14
CA MET B 323 -33.28 -6.29 14.61
C MET B 323 -31.95 -7.00 14.84
N TYR B 324 -31.00 -6.85 13.92
CA TYR B 324 -29.69 -7.44 14.10
C TYR B 324 -28.91 -6.78 15.23
N GLN B 325 -29.12 -5.48 15.47
CA GLN B 325 -28.38 -4.82 16.53
C GLN B 325 -28.96 -5.11 17.90
N ILE B 326 -30.28 -5.29 17.98
CA ILE B 326 -30.90 -5.68 19.25
C ILE B 326 -30.54 -7.11 19.58
N GLN B 327 -30.51 -7.99 18.58
CA GLN B 327 -30.10 -9.37 18.82
C GLN B 327 -28.59 -9.45 19.05
N ALA B 328 -27.82 -8.51 18.50
CA ALA B 328 -26.38 -8.61 18.47
C ALA B 328 -25.74 -8.14 19.78
N THR B 329 -26.25 -7.05 20.37
CA THR B 329 -25.77 -6.56 21.65
C THR B 329 -26.64 -7.03 22.80
N GLY B 330 -27.23 -8.21 22.68
CA GLY B 330 -27.92 -8.82 23.79
C GLY B 330 -27.24 -10.11 24.19
N SER B 331 -26.66 -10.79 23.21
CA SER B 331 -25.92 -12.04 23.38
C SER B 331 -25.18 -12.31 22.08
N ALA B 332 -24.54 -13.48 21.99
CA ALA B 332 -24.14 -14.02 20.70
C ALA B 332 -25.42 -14.25 19.92
N PRO B 333 -25.67 -13.45 18.84
CA PRO B 333 -27.04 -13.13 18.44
C PRO B 333 -27.96 -14.28 18.05
N ASN B 334 -27.68 -14.97 16.93
CA ASN B 334 -28.55 -16.00 16.37
C ASN B 334 -27.91 -16.65 15.17
N TYR B 335 -28.62 -17.60 14.56
CA TYR B 335 -28.31 -18.10 13.24
C TYR B 335 -29.16 -17.45 12.16
N GLN B 336 -30.43 -17.17 12.45
CA GLN B 336 -31.36 -16.73 11.41
C GLN B 336 -31.23 -15.25 11.09
N VAL B 337 -30.68 -14.46 12.02
CA VAL B 337 -30.60 -13.03 11.77
C VAL B 337 -29.49 -12.73 10.76
N PHE B 338 -28.47 -13.60 10.69
CA PHE B 338 -27.48 -13.51 9.63
C PHE B 338 -28.12 -13.72 8.27
N VAL B 339 -29.00 -14.73 8.17
CA VAL B 339 -29.69 -15.03 6.92
C VAL B 339 -30.61 -13.89 6.55
N LEU B 340 -31.24 -13.26 7.55
CA LEU B 340 -32.11 -12.11 7.31
C LEU B 340 -31.33 -10.92 6.76
N TYR B 341 -30.19 -10.60 7.39
CA TYR B 341 -29.36 -9.49 6.97
C TYR B 341 -28.80 -9.71 5.57
N TYR B 342 -28.25 -10.91 5.32
CA TYR B 342 -27.66 -11.19 4.03
C TYR B 342 -28.71 -11.33 2.94
N SER B 343 -29.92 -11.78 3.27
CA SER B 343 -30.97 -11.84 2.26
C SER B 343 -31.51 -10.46 1.95
N TYR B 344 -31.47 -9.54 2.92
CA TYR B 344 -31.77 -8.15 2.59
C TYR B 344 -30.72 -7.59 1.64
N TYR B 345 -29.46 -7.96 1.85
CA TYR B 345 -28.39 -7.57 0.92
C TYR B 345 -28.59 -8.15 -0.48
N ILE B 346 -28.97 -9.44 -0.57
CA ILE B 346 -29.14 -10.09 -1.86
C ILE B 346 -30.46 -9.67 -2.52
N VAL B 347 -31.37 -9.06 -1.77
CA VAL B 347 -32.51 -8.44 -2.44
C VAL B 347 -32.14 -7.04 -2.93
N LEU B 348 -31.42 -6.27 -2.12
CA LEU B 348 -31.18 -4.87 -2.44
C LEU B 348 -30.10 -4.70 -3.51
N LEU B 349 -28.98 -5.39 -3.39
CA LEU B 349 -27.83 -5.13 -4.24
C LEU B 349 -28.01 -5.51 -5.71
N PRO B 350 -28.64 -6.65 -6.10
CA PRO B 350 -28.95 -6.84 -7.52
C PRO B 350 -29.85 -5.78 -8.12
N LEU B 351 -30.76 -5.21 -7.34
CA LEU B 351 -31.56 -4.10 -7.86
C LEU B 351 -30.69 -2.88 -8.12
N MET B 352 -29.68 -2.66 -7.27
CA MET B 352 -28.77 -1.55 -7.48
C MET B 352 -27.84 -1.81 -8.68
N CYS B 353 -27.43 -3.06 -8.89
CA CYS B 353 -26.65 -3.40 -10.08
C CYS B 353 -27.46 -3.21 -11.36
N VAL B 354 -28.70 -3.69 -11.37
CA VAL B 354 -29.54 -3.58 -12.55
C VAL B 354 -29.87 -2.12 -12.84
N VAL B 355 -30.15 -1.34 -11.79
CA VAL B 355 -30.44 0.08 -11.93
C VAL B 355 -29.21 0.86 -12.41
N ALA B 356 -28.02 0.49 -11.91
CA ALA B 356 -26.80 1.17 -12.36
C ALA B 356 -26.47 0.82 -13.81
N ILE B 357 -26.72 -0.42 -14.21
CA ILE B 357 -26.48 -0.83 -15.59
C ILE B 357 -27.45 -0.12 -16.54
N ILE B 358 -28.73 -0.02 -16.13
CA ILE B 358 -29.73 0.71 -16.91
C ILE B 358 -29.34 2.18 -17.03
N GLY B 359 -28.87 2.79 -15.94
CA GLY B 359 -28.44 4.18 -16.02
C GLY B 359 -27.22 4.37 -16.90
N THR B 360 -26.33 3.37 -16.93
CA THR B 360 -25.19 3.43 -17.85
C THR B 360 -25.64 3.36 -19.30
N ILE B 361 -26.63 2.52 -19.60
CA ILE B 361 -27.14 2.43 -20.97
C ILE B 361 -27.85 3.73 -21.38
N ILE B 362 -28.58 4.35 -20.44
CA ILE B 362 -29.20 5.64 -20.73
C ILE B 362 -28.14 6.72 -20.97
N HIS B 363 -27.01 6.64 -20.24
CA HIS B 363 -25.92 7.57 -20.50
C HIS B 363 -25.28 7.34 -21.87
N THR B 364 -25.20 6.08 -22.30
CA THR B 364 -24.76 5.82 -23.67
C THR B 364 -25.80 6.21 -24.72
N LEU B 365 -27.05 6.36 -24.34
CA LEU B 365 -28.09 6.75 -25.29
C LEU B 365 -28.20 8.25 -25.47
N GLU B 366 -27.56 9.05 -24.61
CA GLU B 366 -27.55 10.49 -24.75
C GLU B 366 -26.13 10.97 -25.04
N LYS B 367 -26.02 12.02 -25.85
CA LYS B 367 -24.72 12.58 -26.20
C LYS B 367 -24.72 14.09 -26.01
N PRO B 376 -8.34 18.07 -11.23
CA PRO B 376 -8.46 18.74 -9.93
C PRO B 376 -9.56 18.13 -9.05
N THR B 377 -10.73 18.77 -9.03
CA THR B 377 -11.85 18.28 -8.24
C THR B 377 -12.37 16.96 -8.78
N ARG B 378 -12.48 16.86 -10.12
CA ARG B 378 -12.94 15.62 -10.74
C ARG B 378 -11.95 14.48 -10.53
N SER B 379 -10.64 14.78 -10.60
CA SER B 379 -9.63 13.76 -10.41
C SER B 379 -9.56 13.28 -8.97
N LEU B 380 -9.71 14.21 -8.00
CA LEU B 380 -9.74 13.81 -6.61
C LEU B 380 -10.98 12.99 -6.30
N ASP B 381 -12.12 13.32 -6.93
CA ASP B 381 -13.34 12.53 -6.75
C ASP B 381 -13.17 11.12 -7.31
N VAL B 382 -12.54 11.00 -8.48
CA VAL B 382 -12.30 9.68 -9.09
C VAL B 382 -11.39 8.84 -8.21
N VAL B 383 -10.27 9.42 -7.76
CA VAL B 383 -9.31 8.62 -7.02
C VAL B 383 -9.86 8.29 -5.62
N LEU B 384 -10.71 9.16 -5.06
CA LEU B 384 -11.34 8.86 -3.78
C LEU B 384 -12.33 7.73 -3.91
N LEU B 385 -13.13 7.74 -4.99
CA LEU B 385 -14.09 6.65 -5.23
C LEU B 385 -13.38 5.31 -5.42
N MET B 386 -12.33 5.31 -6.24
CA MET B 386 -11.63 4.05 -6.54
C MET B 386 -10.87 3.53 -5.31
N GLY B 387 -10.14 4.40 -4.63
CA GLY B 387 -9.39 3.97 -3.46
C GLY B 387 -10.27 3.60 -2.29
N ALA B 388 -11.46 4.19 -2.20
CA ALA B 388 -12.38 3.75 -1.16
C ALA B 388 -13.07 2.46 -1.56
N ALA B 389 -13.21 2.20 -2.86
CA ALA B 389 -13.82 0.94 -3.30
C ALA B 389 -12.88 -0.24 -3.09
N LEU B 390 -11.57 0.01 -3.15
CA LEU B 390 -10.57 -1.07 -3.10
C LEU B 390 -10.62 -1.86 -1.80
N GLY B 391 -10.99 -1.22 -0.69
CA GLY B 391 -11.00 -1.92 0.58
C GLY B 391 -12.10 -2.98 0.65
N GLN B 392 -13.32 -2.61 0.26
CA GLN B 392 -14.41 -3.56 0.25
C GLN B 392 -14.22 -4.61 -0.84
N ILE B 393 -13.67 -4.23 -2.00
CA ILE B 393 -13.41 -5.20 -3.06
C ILE B 393 -12.37 -6.22 -2.62
N ALA B 394 -11.32 -5.76 -1.92
CA ALA B 394 -10.30 -6.67 -1.42
C ALA B 394 -10.84 -7.60 -0.34
N MET B 395 -11.60 -7.06 0.62
CA MET B 395 -12.15 -7.88 1.70
C MET B 395 -13.13 -8.91 1.18
N SER B 396 -13.94 -8.54 0.18
CA SER B 396 -14.87 -9.50 -0.38
C SER B 396 -14.17 -10.54 -1.27
N TYR B 397 -13.03 -10.19 -1.89
CA TYR B 397 -12.28 -11.21 -2.62
C TYR B 397 -11.64 -12.21 -1.67
N PHE B 398 -11.18 -11.72 -0.51
CA PHE B 398 -10.73 -12.61 0.56
C PHE B 398 -11.88 -13.50 1.03
N SER B 399 -13.10 -12.96 1.06
CA SER B 399 -14.26 -13.76 1.44
C SER B 399 -14.59 -14.82 0.40
N ILE B 400 -14.52 -14.46 -0.88
CA ILE B 400 -14.80 -15.39 -1.98
C ILE B 400 -13.82 -16.57 -1.93
N VAL B 401 -12.53 -16.27 -1.78
CA VAL B 401 -11.52 -17.31 -1.70
C VAL B 401 -11.70 -18.14 -0.43
N ALA B 402 -12.13 -17.50 0.67
CA ALA B 402 -12.31 -18.22 1.92
C ALA B 402 -13.51 -19.14 1.90
N ILE B 403 -14.53 -18.84 1.10
CA ILE B 403 -15.64 -19.77 0.97
C ILE B 403 -15.31 -20.88 -0.01
N VAL B 404 -14.81 -20.55 -1.20
CA VAL B 404 -14.57 -21.57 -2.20
C VAL B 404 -13.39 -22.48 -1.87
N ALA B 405 -12.51 -22.07 -0.96
CA ALA B 405 -11.46 -22.98 -0.51
C ALA B 405 -11.99 -23.97 0.52
N THR B 406 -12.93 -23.53 1.36
CA THR B 406 -13.69 -24.42 2.23
C THR B 406 -14.92 -24.91 1.47
N ASN B 407 -15.91 -25.46 2.16
CA ASN B 407 -17.06 -26.03 1.48
C ASN B 407 -18.18 -25.01 1.32
N PRO B 408 -18.59 -24.69 0.10
CA PRO B 408 -19.81 -23.89 -0.11
C PRO B 408 -21.07 -24.70 0.10
N ARG B 409 -22.19 -24.14 -0.37
CA ARG B 409 -23.47 -24.85 -0.55
C ARG B 409 -24.11 -25.20 0.79
N ASP B 410 -23.85 -24.39 1.81
CA ASP B 410 -24.67 -24.35 3.01
C ASP B 410 -25.69 -23.22 2.83
N MET B 411 -26.47 -22.96 3.86
CA MET B 411 -27.59 -22.02 3.71
C MET B 411 -27.10 -20.58 3.62
N LEU B 412 -26.50 -20.06 4.69
CA LEU B 412 -26.00 -18.69 4.63
C LEU B 412 -24.63 -18.61 4.01
N ASN B 413 -23.90 -19.74 3.95
CA ASN B 413 -22.57 -19.73 3.38
C ASN B 413 -22.62 -19.51 1.87
N SER B 414 -23.72 -19.88 1.22
CA SER B 414 -23.97 -19.48 -0.15
C SER B 414 -24.47 -18.05 -0.25
N LEU B 415 -25.00 -17.50 0.83
CA LEU B 415 -25.45 -16.12 0.82
C LEU B 415 -24.29 -15.14 0.98
N ILE B 416 -23.25 -15.54 1.71
CA ILE B 416 -22.07 -14.68 1.83
C ILE B 416 -21.32 -14.63 0.49
N LEU B 417 -21.26 -15.76 -0.22
CA LEU B 417 -20.59 -15.81 -1.52
C LEU B 417 -21.31 -14.94 -2.54
N SER B 418 -22.61 -15.15 -2.68
CA SER B 418 -23.42 -14.35 -3.60
C SER B 418 -23.45 -12.89 -3.19
N TYR B 419 -23.46 -12.62 -1.88
CA TYR B 419 -23.42 -11.25 -1.38
C TYR B 419 -22.10 -10.59 -1.74
N SER B 420 -20.98 -11.30 -1.63
CA SER B 420 -19.68 -10.72 -1.95
C SER B 420 -19.52 -10.47 -3.43
N VAL B 421 -19.97 -11.42 -4.26
CA VAL B 421 -19.88 -11.25 -5.72
C VAL B 421 -20.78 -10.11 -6.18
N LEU B 422 -21.99 -10.03 -5.61
CA LEU B 422 -22.90 -8.94 -5.96
C LEU B 422 -22.41 -7.61 -5.40
N LEU B 423 -21.66 -7.64 -4.31
CA LEU B 423 -21.09 -6.40 -3.79
C LEU B 423 -19.98 -5.89 -4.68
N ILE B 424 -19.12 -6.79 -5.19
CA ILE B 424 -18.11 -6.42 -6.18
C ILE B 424 -18.77 -5.84 -7.42
N PHE B 425 -19.82 -6.52 -7.90
CA PHE B 425 -20.47 -6.08 -9.13
C PHE B 425 -21.23 -4.77 -8.92
N GLN B 426 -21.76 -4.54 -7.72
CA GLN B 426 -22.46 -3.30 -7.44
C GLN B 426 -21.48 -2.14 -7.32
N TYR B 427 -20.34 -2.39 -6.66
CA TYR B 427 -19.27 -1.39 -6.60
C TYR B 427 -18.78 -1.01 -7.98
N ILE B 428 -18.62 -2.01 -8.86
CA ILE B 428 -18.08 -1.75 -10.19
C ILE B 428 -19.09 -1.01 -11.06
N THR B 429 -20.35 -1.46 -11.09
CA THR B 429 -21.35 -0.79 -11.92
C THR B 429 -21.73 0.57 -11.37
N GLN B 430 -21.78 0.73 -10.05
CA GLN B 430 -22.04 2.05 -9.47
C GLN B 430 -20.89 3.00 -9.72
N ASN B 431 -19.65 2.49 -9.70
CA ASN B 431 -18.50 3.32 -10.02
C ASN B 431 -18.55 3.76 -11.48
N ILE B 432 -18.88 2.84 -12.39
CA ILE B 432 -19.01 3.20 -13.80
C ILE B 432 -20.12 4.23 -14.01
N PHE B 433 -21.21 4.08 -13.25
CA PHE B 433 -22.34 5.01 -13.32
C PHE B 433 -21.95 6.40 -12.83
N ILE B 434 -21.19 6.49 -11.74
CA ILE B 434 -20.85 7.80 -11.19
C ILE B 434 -19.78 8.46 -12.05
N ILE B 435 -18.78 7.70 -12.51
CA ILE B 435 -17.72 8.30 -13.33
C ILE B 435 -18.26 8.73 -14.69
N ASP B 436 -19.24 8.00 -15.24
CA ASP B 436 -19.88 8.48 -16.45
C ASP B 436 -20.82 9.64 -16.17
N GLY B 437 -21.42 9.68 -14.98
CA GLY B 437 -22.39 10.72 -14.66
C GLY B 437 -21.81 12.08 -14.37
N LEU B 438 -20.51 12.19 -14.16
CA LEU B 438 -19.89 13.46 -13.82
C LEU B 438 -19.49 14.28 -15.02
N GLN B 439 -19.87 13.86 -16.23
CA GLN B 439 -19.62 14.66 -17.41
C GLN B 439 -20.72 14.46 -18.46
N TRP B 488 -38.40 12.20 -20.85
CA TRP B 488 -38.54 10.79 -20.52
C TRP B 488 -37.20 10.22 -20.05
N LYS B 489 -36.11 10.83 -20.52
CA LYS B 489 -34.77 10.39 -20.15
C LYS B 489 -34.32 11.02 -18.83
N ARG B 490 -34.51 12.33 -18.69
CA ARG B 490 -34.00 13.05 -17.53
C ARG B 490 -34.76 12.68 -16.26
N LYS B 491 -36.09 12.51 -16.37
CA LYS B 491 -36.89 12.11 -15.21
C LYS B 491 -36.56 10.70 -14.78
N ALA B 492 -36.34 9.80 -15.75
CA ALA B 492 -35.94 8.44 -15.43
C ALA B 492 -34.59 8.41 -14.73
N LEU B 493 -33.62 9.17 -15.24
CA LEU B 493 -32.30 9.22 -14.61
C LEU B 493 -32.34 9.87 -13.24
N LYS B 494 -33.25 10.84 -13.03
CA LYS B 494 -33.43 11.43 -11.72
C LYS B 494 -33.95 10.41 -10.71
N GLU B 495 -34.91 9.57 -11.14
CA GLU B 495 -35.38 8.48 -10.28
C GLU B 495 -34.28 7.48 -9.96
N ILE B 496 -33.45 7.14 -10.97
CA ILE B 496 -32.29 6.27 -10.77
C ILE B 496 -31.36 6.85 -9.71
N SER B 497 -31.03 8.14 -9.84
CA SER B 497 -30.06 8.75 -8.96
C SER B 497 -30.59 8.89 -7.54
N PHE B 498 -31.86 9.26 -7.37
CA PHE B 498 -32.37 9.44 -6.01
C PHE B 498 -32.62 8.09 -5.32
N PHE B 499 -33.02 7.07 -6.08
CA PHE B 499 -33.10 5.71 -5.52
C PHE B 499 -31.74 5.24 -5.04
N LEU B 500 -30.69 5.50 -5.83
CA LEU B 500 -29.36 5.11 -5.39
C LEU B 500 -28.86 5.96 -4.23
N VAL B 501 -29.32 7.22 -4.11
CA VAL B 501 -28.95 8.08 -2.99
C VAL B 501 -29.51 7.51 -1.68
N LEU B 502 -30.80 7.16 -1.68
CA LEU B 502 -31.41 6.63 -0.46
C LEU B 502 -30.84 5.25 -0.11
N CYS B 503 -30.57 4.43 -1.15
CA CYS B 503 -29.93 3.15 -0.91
C CYS B 503 -28.52 3.32 -0.36
N ASN B 504 -27.80 4.35 -0.80
CA ASN B 504 -26.46 4.56 -0.28
C ASN B 504 -26.48 5.12 1.14
N ILE B 505 -27.52 5.86 1.51
CA ILE B 505 -27.63 6.34 2.89
C ILE B 505 -27.88 5.18 3.85
N ILE B 506 -28.82 4.29 3.50
CA ILE B 506 -29.08 3.16 4.38
C ILE B 506 -27.90 2.17 4.34
N LEU B 507 -27.18 2.10 3.22
CA LEU B 507 -25.98 1.27 3.17
C LEU B 507 -24.76 1.97 3.73
N TRP B 508 -24.89 3.23 4.14
CA TRP B 508 -23.86 3.98 4.86
C TRP B 508 -24.01 3.80 6.36
N ILE B 509 -25.25 3.83 6.86
CA ILE B 509 -25.47 3.71 8.31
C ILE B 509 -25.21 2.29 8.79
N MET B 510 -25.38 1.28 7.93
CA MET B 510 -25.31 -0.10 8.38
C MET B 510 -23.90 -0.60 8.73
N PRO B 511 -22.82 -0.47 7.86
CA PRO B 511 -21.54 -1.10 8.17
C PRO B 511 -20.59 -0.24 9.01
N THR B 512 -21.11 0.35 10.09
CA THR B 512 -20.26 1.14 10.96
C THR B 512 -20.56 0.90 12.42
N PHE B 513 -21.17 -0.23 12.76
CA PHE B 513 -21.69 -0.47 14.09
C PHE B 513 -21.14 -1.76 14.67
N GLY B 514 -19.83 -1.93 14.59
CA GLY B 514 -19.16 -2.87 15.46
C GLY B 514 -19.28 -4.32 15.07
N ALA B 515 -20.13 -5.07 15.76
CA ALA B 515 -20.24 -6.51 15.56
C ALA B 515 -20.92 -6.84 14.24
N HIS B 516 -20.23 -6.58 13.14
CA HIS B 516 -20.72 -6.79 11.79
C HIS B 516 -20.73 -8.26 11.44
N PRO B 517 -21.69 -8.72 10.62
CA PRO B 517 -21.72 -10.13 10.23
C PRO B 517 -20.60 -10.57 9.30
N VAL B 518 -19.85 -9.67 8.67
CA VAL B 518 -18.64 -10.12 7.98
C VAL B 518 -17.51 -10.36 8.96
N PHE B 519 -17.64 -9.91 10.20
CA PHE B 519 -16.75 -10.28 11.29
C PHE B 519 -17.29 -11.42 12.11
N GLU B 520 -18.61 -11.49 12.30
CA GLU B 520 -19.19 -12.37 13.30
C GLU B 520 -19.59 -13.74 12.76
N ASN B 521 -18.91 -14.23 11.73
CA ASN B 521 -19.03 -15.62 11.31
C ASN B 521 -17.74 -16.35 11.63
N GLY B 522 -17.86 -17.65 11.91
CA GLY B 522 -16.69 -18.48 12.06
C GLY B 522 -16.25 -19.08 10.73
N LEU B 523 -16.24 -18.26 9.69
CA LEU B 523 -15.88 -18.68 8.35
C LEU B 523 -14.61 -18.00 7.84
N GLN B 524 -14.55 -16.67 7.90
CA GLN B 524 -13.31 -15.98 7.56
C GLN B 524 -12.37 -15.95 8.76
N LYS B 525 -12.91 -15.72 9.95
CA LYS B 525 -12.21 -16.13 11.16
C LYS B 525 -12.09 -17.66 11.16
N SER B 526 -10.99 -18.14 11.71
CA SER B 526 -10.51 -19.54 11.63
C SER B 526 -10.24 -19.98 10.18
N PHE B 527 -10.15 -19.03 9.26
CA PHE B 527 -9.50 -19.21 7.97
C PHE B 527 -8.25 -18.34 7.90
N TYR B 528 -8.40 -17.03 8.03
CA TYR B 528 -7.27 -16.14 8.11
C TYR B 528 -6.78 -15.95 9.55
N GLY B 529 -7.68 -16.10 10.52
CA GLY B 529 -7.31 -15.90 11.90
C GLY B 529 -7.87 -14.60 12.42
N TYR B 530 -7.92 -14.44 13.75
CA TYR B 530 -8.61 -13.30 14.34
C TYR B 530 -7.89 -11.99 14.05
N SER B 531 -6.56 -11.95 14.26
CA SER B 531 -5.84 -10.69 14.12
C SER B 531 -5.74 -10.26 12.67
N THR B 532 -5.51 -11.22 11.76
CA THR B 532 -5.46 -10.94 10.33
C THR B 532 -6.81 -10.47 9.81
N TRP B 533 -7.88 -11.17 10.18
CA TRP B 533 -9.19 -10.78 9.69
C TRP B 533 -9.68 -9.51 10.36
N PHE B 534 -9.24 -9.24 11.58
CA PHE B 534 -9.53 -7.97 12.23
C PHE B 534 -8.88 -6.82 11.49
N ALA B 535 -7.62 -6.99 11.08
CA ALA B 535 -6.94 -5.97 10.30
C ALA B 535 -7.61 -5.76 8.95
N ILE B 536 -8.06 -6.85 8.32
CA ILE B 536 -8.73 -6.74 7.02
C ILE B 536 -10.07 -6.02 7.15
N VAL B 537 -10.86 -6.38 8.17
CA VAL B 537 -12.19 -5.79 8.35
C VAL B 537 -12.09 -4.32 8.75
N ASN B 538 -11.17 -4.00 9.68
CA ASN B 538 -11.03 -2.60 10.05
C ASN B 538 -10.29 -1.77 9.01
N PHE B 539 -9.62 -2.40 8.06
CA PHE B 539 -9.12 -1.66 6.90
C PHE B 539 -10.23 -1.41 5.90
N GLY B 540 -11.09 -2.40 5.69
CA GLY B 540 -12.07 -2.35 4.62
C GLY B 540 -13.35 -1.62 4.94
N LEU B 541 -13.96 -1.92 6.09
CA LEU B 541 -15.28 -1.40 6.41
C LEU B 541 -15.35 0.12 6.63
N PRO B 542 -14.39 0.78 7.31
CA PRO B 542 -14.39 2.25 7.26
C PRO B 542 -14.17 2.81 5.88
N LEU B 543 -13.44 2.11 5.01
CA LEU B 543 -13.30 2.56 3.64
C LEU B 543 -14.59 2.38 2.87
N SER B 544 -15.40 1.39 3.23
CA SER B 544 -16.71 1.27 2.57
C SER B 544 -17.66 2.36 3.06
N VAL B 545 -17.58 2.72 4.34
CA VAL B 545 -18.36 3.84 4.86
C VAL B 545 -17.96 5.14 4.17
N PHE B 546 -16.66 5.33 3.95
CA PHE B 546 -16.16 6.49 3.21
C PHE B 546 -16.65 6.48 1.77
N TYR B 547 -16.69 5.30 1.15
CA TYR B 547 -17.18 5.19 -0.22
C TYR B 547 -18.66 5.52 -0.30
N ARG B 548 -19.44 5.08 0.69
CA ARG B 548 -20.87 5.36 0.71
C ARG B 548 -21.12 6.85 0.88
N MET B 549 -20.34 7.52 1.74
CA MET B 549 -20.46 8.97 1.93
C MET B 549 -20.10 9.74 0.66
N HIS B 550 -18.96 9.39 0.06
CA HIS B 550 -18.47 10.09 -1.12
C HIS B 550 -19.37 9.83 -2.32
N SER B 551 -19.99 8.65 -2.38
CA SER B 551 -20.92 8.35 -3.46
C SER B 551 -22.29 8.96 -3.22
N VAL B 552 -22.69 9.19 -1.96
CA VAL B 552 -23.88 10.00 -1.67
C VAL B 552 -23.68 11.41 -2.22
N GLY B 553 -22.50 11.98 -1.99
CA GLY B 553 -22.20 13.30 -2.54
C GLY B 553 -22.17 13.33 -4.06
N GLY B 554 -21.55 12.32 -4.67
CA GLY B 554 -21.48 12.28 -6.13
C GLY B 554 -22.83 12.05 -6.78
N LEU B 555 -23.65 11.18 -6.21
CA LEU B 555 -24.98 10.93 -6.75
C LEU B 555 -25.93 12.07 -6.46
N LEU B 556 -25.69 12.87 -5.42
CA LEU B 556 -26.47 14.08 -5.25
C LEU B 556 -26.05 15.15 -6.24
N GLU B 557 -24.79 15.14 -6.68
CA GLU B 557 -24.41 16.01 -7.78
C GLU B 557 -25.03 15.55 -9.10
N VAL B 558 -25.14 14.23 -9.29
CA VAL B 558 -25.78 13.67 -10.48
C VAL B 558 -27.27 14.00 -10.47
N TYR B 559 -27.90 14.02 -9.29
CA TYR B 559 -29.34 14.25 -9.19
C TYR B 559 -29.75 15.66 -9.59
N VAL B 560 -28.84 16.63 -9.46
CA VAL B 560 -29.19 18.02 -9.79
C VAL B 560 -28.40 18.35 -11.06
N SER B 561 -28.12 17.33 -11.85
CA SER B 561 -27.48 17.51 -13.14
C SER B 561 -28.43 17.17 -14.27
#